data_5N7X
#
_entry.id   5N7X
#
_cell.length_a   57.913
_cell.length_b   64.806
_cell.length_c   81.156
_cell.angle_alpha   96.31
_cell.angle_beta   97.15
_cell.angle_gamma   84.09
#
_symmetry.space_group_name_H-M   'P 1'
#
loop_
_entity.id
_entity.type
_entity.pdbx_description
1 polymer Streptavidin
2 polymer 'GLU-TRP-VAL-HIS-PRO-GLN-PHE-GLU-GLN-LYS-ALA-LYS Peptide'
3 water water
#
loop_
_entity_poly.entity_id
_entity_poly.type
_entity_poly.pdbx_seq_one_letter_code
_entity_poly.pdbx_strand_id
1 'polypeptide(L)'
;MRKIVVAAIAVSLTTVSITASASADPSKDSKAQVSAAEAGITGTWYNQLGSTFIVTAGADGALTGTYESAVGNAESRYVL
TGRYDSAPATDGSGTALGWTVAWKNNYRNAHSATTWSGQYVGGAEARINTQWLLTSGTTEANAWKSTLVGHDTFTKVKPS
AASIDAAKKAGVNNGNPLDAVQQ
;
A,B,E,F,H,K,M,O
2 'polypeptide(L)' EWVHPQFEQKAK C,D,G,I,J,L,N,P
#
# COMPACT_ATOMS: atom_id res chain seq x y z
N GLU A 38 7.26 4.86 10.56
CA GLU A 38 6.92 5.88 11.61
C GLU A 38 5.79 6.78 11.13
N ALA A 39 5.97 7.46 9.98
CA ALA A 39 4.90 8.29 9.42
C ALA A 39 3.63 7.49 9.08
N GLY A 40 3.77 6.24 8.62
CA GLY A 40 2.60 5.37 8.40
C GLY A 40 1.81 5.60 7.13
N ILE A 41 2.21 6.58 6.33
CA ILE A 41 1.37 7.05 5.21
C ILE A 41 1.76 6.39 3.90
N THR A 42 3.07 6.13 3.70
CA THR A 42 3.49 5.49 2.46
C THR A 42 2.75 4.19 2.26
N GLY A 43 2.27 3.98 1.04
CA GLY A 43 1.59 2.73 0.71
C GLY A 43 0.27 2.92 -0.03
N THR A 44 -0.57 1.91 0.07
CA THR A 44 -1.82 1.82 -0.69
C THR A 44 -2.97 2.01 0.21
N TRP A 45 -3.88 2.89 -0.23
CA TRP A 45 -5.06 3.26 0.50
C TRP A 45 -6.30 3.14 -0.38
N TYR A 46 -7.40 2.73 0.24
CA TYR A 46 -8.62 2.41 -0.49
CA TYR A 46 -8.65 2.35 -0.42
C TYR A 46 -9.78 3.16 0.17
N ASN A 47 -10.61 3.81 -0.66
CA ASN A 47 -11.80 4.48 -0.11
C ASN A 47 -12.95 3.53 -0.15
N GLN A 48 -14.14 4.04 0.25
CA GLN A 48 -15.28 3.16 0.41
C GLN A 48 -15.97 2.81 -0.92
N LEU A 49 -15.65 3.53 -1.99
CA LEU A 49 -16.14 3.31 -3.36
C LEU A 49 -15.28 2.38 -4.19
N GLY A 50 -14.12 1.96 -3.66
CA GLY A 50 -13.22 1.08 -4.39
C GLY A 50 -12.06 1.77 -5.10
N SER A 51 -11.90 3.08 -4.93
CA SER A 51 -10.75 3.72 -5.53
CA SER A 51 -10.76 3.75 -5.51
C SER A 51 -9.53 3.38 -4.73
N THR A 52 -8.39 3.48 -5.39
CA THR A 52 -7.12 3.06 -4.80
C THR A 52 -6.08 4.15 -5.06
N PHE A 53 -5.37 4.57 -4.01
CA PHE A 53 -4.22 5.44 -4.24
C PHE A 53 -2.97 4.83 -3.63
N ILE A 54 -1.86 5.07 -4.29
CA ILE A 54 -0.59 4.55 -3.85
C ILE A 54 0.29 5.79 -3.72
N VAL A 55 0.80 6.03 -2.52
CA VAL A 55 1.53 7.24 -2.22
C VAL A 55 2.88 6.93 -1.59
N THR A 56 3.85 7.81 -1.82
CA THR A 56 5.05 7.90 -1.05
C THR A 56 5.05 9.20 -0.27
N ALA A 57 5.25 9.09 1.03
CA ALA A 57 5.42 10.19 1.95
C ALA A 57 6.90 10.45 2.14
N GLY A 58 7.41 11.46 1.44
CA GLY A 58 8.82 11.81 1.47
C GLY A 58 9.25 12.43 2.78
N ALA A 59 10.55 12.33 3.09
CA ALA A 59 11.07 12.85 4.35
C ALA A 59 10.90 14.37 4.49
N ASP A 60 10.80 15.06 3.36
CA ASP A 60 10.64 16.50 3.26
C ASP A 60 9.16 17.00 3.34
N GLY A 61 8.20 16.13 3.59
CA GLY A 61 6.78 16.55 3.57
C GLY A 61 6.05 16.33 2.25
N ALA A 62 6.69 15.78 1.23
CA ALA A 62 6.08 15.52 -0.05
C ALA A 62 5.16 14.29 -0.03
N LEU A 63 4.00 14.42 -0.66
CA LEU A 63 3.17 13.29 -1.09
C LEU A 63 3.22 13.18 -2.60
N THR A 64 3.57 12.00 -3.13
CA THR A 64 3.62 11.79 -4.55
C THR A 64 3.05 10.42 -4.82
N GLY A 65 2.30 10.24 -5.88
CA GLY A 65 1.78 8.95 -6.22
C GLY A 65 0.74 8.96 -7.32
N THR A 66 -0.14 8.00 -7.25
CA THR A 66 -1.18 7.80 -8.25
C THR A 66 -2.49 7.52 -7.57
N TYR A 67 -3.56 7.97 -8.23
CA TYR A 67 -4.94 7.73 -7.84
C TYR A 67 -5.62 7.00 -8.98
N GLU A 68 -6.28 5.91 -8.64
CA GLU A 68 -6.93 5.06 -9.63
C GLU A 68 -8.36 4.86 -9.22
N SER A 69 -9.29 5.21 -10.11
CA SER A 69 -10.67 5.04 -9.85
C SER A 69 -11.00 3.58 -9.67
N ALA A 70 -12.21 3.30 -9.21
CA ALA A 70 -12.61 1.90 -8.98
C ALA A 70 -12.65 1.05 -10.26
N VAL A 71 -12.63 1.66 -11.45
CA VAL A 71 -12.56 0.92 -12.72
C VAL A 71 -11.25 0.11 -12.85
N GLY A 72 -10.13 0.67 -12.39
CA GLY A 72 -8.89 -0.10 -12.20
C GLY A 72 -7.91 -0.23 -13.36
N ASN A 73 -8.15 0.43 -14.48
CA ASN A 73 -7.30 0.30 -15.70
C ASN A 73 -6.34 1.50 -15.85
N ALA A 74 -5.50 1.48 -16.88
CA ALA A 74 -4.56 2.57 -17.15
C ALA A 74 -5.26 3.93 -17.40
N GLU A 75 -6.37 3.94 -18.13
CA GLU A 75 -7.09 5.18 -18.39
C GLU A 75 -7.76 5.72 -17.13
N SER A 76 -7.79 4.92 -16.04
CA SER A 76 -8.41 5.32 -14.78
CA SER A 76 -8.41 5.34 -14.80
C SER A 76 -7.43 5.88 -13.76
N ARG A 77 -6.14 5.97 -14.15
CA ARG A 77 -5.08 6.34 -13.23
CA ARG A 77 -5.05 6.34 -13.25
C ARG A 77 -4.58 7.76 -13.51
N TYR A 78 -4.40 8.53 -12.43
CA TYR A 78 -4.01 9.93 -12.49
C TYR A 78 -2.94 10.26 -11.46
N VAL A 79 -2.12 11.24 -11.77
CA VAL A 79 -1.09 11.71 -10.87
C VAL A 79 -1.68 12.36 -9.63
N LEU A 80 -1.14 12.03 -8.46
CA LEU A 80 -1.52 12.59 -7.15
C LEU A 80 -0.29 13.31 -6.60
N THR A 81 -0.47 14.57 -6.11
CA THR A 81 0.61 15.30 -5.52
CA THR A 81 0.62 15.30 -5.46
C THR A 81 0.11 16.09 -4.32
N GLY A 82 0.81 16.10 -3.22
CA GLY A 82 0.41 16.86 -2.06
C GLY A 82 1.49 17.03 -1.03
N ARG A 83 1.05 17.32 0.19
CA ARG A 83 1.97 17.64 1.30
C ARG A 83 1.42 17.05 2.57
N TYR A 84 2.28 16.75 3.52
CA TYR A 84 1.87 16.31 4.85
C TYR A 84 2.79 16.83 5.90
N ASP A 85 2.33 16.83 7.14
CA ASP A 85 3.14 17.24 8.28
C ASP A 85 4.10 16.10 8.55
N SER A 86 5.40 16.35 8.28
CA SER A 86 6.42 15.34 8.50
C SER A 86 6.95 15.32 9.94
N ALA A 87 6.42 16.11 10.85
CA ALA A 87 6.79 16.09 12.28
C ALA A 87 5.56 16.31 13.13
N PRO A 88 4.63 15.35 13.08
CA PRO A 88 3.38 15.55 13.81
C PRO A 88 3.54 15.61 15.31
N ALA A 89 2.53 16.12 16.00
CA ALA A 89 2.53 16.08 17.46
C ALA A 89 2.58 14.64 17.97
N THR A 90 3.08 14.48 19.18
CA THR A 90 3.30 13.17 19.81
C THR A 90 2.28 12.95 20.96
N ASP A 91 1.12 13.60 20.89
CA ASP A 91 0.12 13.64 21.97
C ASP A 91 -1.15 12.86 21.61
N GLY A 92 -1.07 12.01 20.59
CA GLY A 92 -2.19 11.25 20.08
C GLY A 92 -2.96 11.92 18.94
N SER A 93 -2.56 13.12 18.53
CA SER A 93 -3.14 13.78 17.38
C SER A 93 -2.81 13.09 16.09
N GLY A 94 -3.70 13.23 15.12
CA GLY A 94 -3.45 12.78 13.79
C GLY A 94 -2.45 13.63 13.03
N THR A 95 -2.09 13.19 11.84
CA THR A 95 -1.13 13.82 10.98
C THR A 95 -1.87 14.50 9.83
N ALA A 96 -1.77 15.82 9.79
CA ALA A 96 -2.48 16.60 8.76
C ALA A 96 -1.83 16.42 7.38
N LEU A 97 -2.65 16.41 6.34
CA LEU A 97 -2.16 16.22 5.01
C LEU A 97 -3.19 16.74 4.00
N GLY A 98 -2.77 16.84 2.75
CA GLY A 98 -3.70 17.10 1.66
C GLY A 98 -3.06 16.76 0.35
N TRP A 99 -3.88 16.53 -0.67
CA TRP A 99 -3.34 16.26 -1.98
C TRP A 99 -4.34 16.68 -3.06
N THR A 100 -3.85 16.76 -4.27
CA THR A 100 -4.61 17.15 -5.45
C THR A 100 -4.45 16.11 -6.54
N VAL A 101 -5.53 15.83 -7.26
CA VAL A 101 -5.50 15.13 -8.53
C VAL A 101 -6.18 16.02 -9.57
N ALA A 102 -5.50 16.37 -10.62
CA ALA A 102 -6.14 16.94 -11.82
C ALA A 102 -6.53 15.78 -12.73
N TRP A 103 -7.74 15.80 -13.22
CA TRP A 103 -8.35 14.66 -13.90
C TRP A 103 -8.05 14.67 -15.39
N LYS A 104 -6.75 14.79 -15.68
CA LYS A 104 -6.21 14.63 -17.02
C LYS A 104 -5.09 13.62 -16.93
N ASN A 105 -5.14 12.66 -17.84
CA ASN A 105 -4.04 11.72 -18.03
C ASN A 105 -3.77 11.64 -19.52
N ASN A 106 -3.00 10.66 -19.97
CA ASN A 106 -2.68 10.56 -21.41
C ASN A 106 -3.83 10.05 -22.25
N TYR A 107 -4.93 9.64 -21.61
CA TYR A 107 -6.10 9.06 -22.28
C TYR A 107 -7.34 9.95 -22.28
N ARG A 108 -7.52 10.74 -21.21
CA ARG A 108 -8.81 11.40 -20.95
C ARG A 108 -8.56 12.71 -20.24
N ASN A 109 -9.50 13.63 -20.37
CA ASN A 109 -9.42 14.93 -19.64
C ASN A 109 -10.82 15.36 -19.24
N ALA A 110 -11.09 15.38 -17.93
CA ALA A 110 -12.38 15.81 -17.40
C ALA A 110 -12.37 17.28 -16.96
N HIS A 111 -11.33 18.03 -17.31
CA HIS A 111 -11.24 19.50 -17.08
C HIS A 111 -11.68 19.85 -15.66
N SER A 112 -11.01 19.23 -14.69
CA SER A 112 -11.40 19.34 -13.30
C SER A 112 -10.25 18.88 -12.42
N ALA A 113 -10.33 19.24 -11.15
CA ALA A 113 -9.30 18.82 -10.18
C ALA A 113 -9.95 18.68 -8.82
N THR A 114 -9.53 17.66 -8.07
CA THR A 114 -10.04 17.44 -6.70
C THR A 114 -8.92 17.61 -5.70
N THR A 115 -9.22 18.32 -4.61
CA THR A 115 -8.36 18.34 -3.47
C THR A 115 -8.99 17.59 -2.31
N TRP A 116 -8.18 16.78 -1.64
CA TRP A 116 -8.60 16.12 -0.38
C TRP A 116 -7.80 16.72 0.76
N SER A 117 -8.48 17.10 1.83
CA SER A 117 -7.86 17.68 3.01
C SER A 117 -8.25 16.77 4.16
N GLY A 118 -7.26 16.36 4.99
CA GLY A 118 -7.63 15.54 6.10
C GLY A 118 -6.45 15.23 7.00
N GLN A 119 -6.60 14.12 7.73
CA GLN A 119 -5.55 13.68 8.61
C GLN A 119 -5.49 12.16 8.62
N TYR A 120 -4.24 11.68 8.78
CA TYR A 120 -3.90 10.28 9.02
C TYR A 120 -4.03 10.01 10.50
N VAL A 121 -4.68 8.88 10.82
CA VAL A 121 -4.95 8.44 12.17
C VAL A 121 -4.34 7.02 12.23
N GLY A 122 -3.23 6.87 12.93
CA GLY A 122 -2.59 5.58 13.08
C GLY A 122 -3.25 4.70 14.12
N GLY A 123 -2.73 3.49 14.26
CA GLY A 123 -3.21 2.52 15.26
C GLY A 123 -3.61 1.24 14.56
N ALA A 124 -4.42 0.42 15.24
CA ALA A 124 -4.69 -0.95 14.79
C ALA A 124 -5.32 -1.04 13.38
N GLU A 125 -6.22 -0.13 13.08
CA GLU A 125 -6.81 0.00 11.74
C GLU A 125 -6.63 1.46 11.34
N ALA A 126 -5.47 1.74 10.78
CA ALA A 126 -5.11 3.09 10.39
C ALA A 126 -6.09 3.63 9.33
N ARG A 127 -6.30 4.93 9.33
CA ARG A 127 -7.24 5.54 8.43
C ARG A 127 -6.73 6.90 8.00
N ILE A 128 -7.17 7.35 6.82
CA ILE A 128 -7.02 8.76 6.44
C ILE A 128 -8.44 9.29 6.22
N ASN A 129 -8.83 10.20 7.10
CA ASN A 129 -10.13 10.82 7.03
C ASN A 129 -10.07 12.15 6.31
N THR A 130 -10.93 12.32 5.27
CA THR A 130 -10.79 13.50 4.41
C THR A 130 -12.13 14.12 4.07
N GLN A 131 -12.01 15.39 3.67
CA GLN A 131 -13.08 16.09 2.96
CA GLN A 131 -13.07 16.15 2.98
C GLN A 131 -12.46 16.54 1.66
N TRP A 132 -13.26 16.56 0.58
CA TRP A 132 -12.79 16.91 -0.70
C TRP A 132 -13.63 18.01 -1.36
N LEU A 133 -12.96 18.69 -2.28
CA LEU A 133 -13.54 19.73 -3.16
C LEU A 133 -13.17 19.38 -4.56
N LEU A 134 -14.17 19.27 -5.43
CA LEU A 134 -13.94 18.95 -6.84
C LEU A 134 -14.36 20.17 -7.63
N THR A 135 -13.40 20.87 -8.24
CA THR A 135 -13.71 22.01 -9.04
C THR A 135 -13.55 21.65 -10.52
N SER A 136 -14.57 22.00 -11.30
CA SER A 136 -14.54 21.86 -12.75
CA SER A 136 -14.53 21.85 -12.75
C SER A 136 -14.33 23.21 -13.40
N GLY A 137 -13.58 23.25 -14.49
CA GLY A 137 -13.43 24.48 -15.25
C GLY A 137 -14.78 24.85 -15.86
N THR A 138 -15.20 26.09 -15.63
CA THR A 138 -16.49 26.58 -16.13
C THR A 138 -16.35 27.97 -16.73
N THR A 139 -17.35 28.37 -17.49
CA THR A 139 -17.52 29.77 -17.86
C THR A 139 -17.94 30.53 -16.62
N GLU A 140 -17.88 31.86 -16.69
CA GLU A 140 -18.27 32.67 -15.54
C GLU A 140 -19.74 32.49 -15.21
N ALA A 141 -20.57 32.34 -16.24
CA ALA A 141 -22.01 32.14 -16.02
C ALA A 141 -22.36 30.79 -15.37
N ASN A 142 -21.49 29.78 -15.53
CA ASN A 142 -21.73 28.47 -14.92
C ASN A 142 -20.91 28.26 -13.65
N ALA A 143 -20.25 29.29 -13.15
CA ALA A 143 -19.37 29.15 -12.01
C ALA A 143 -20.11 28.72 -10.76
N TRP A 144 -21.41 28.99 -10.68
CA TRP A 144 -22.23 28.57 -9.55
C TRP A 144 -22.15 27.04 -9.32
N LYS A 145 -21.99 26.31 -10.41
CA LYS A 145 -21.89 24.85 -10.32
C LYS A 145 -20.45 24.35 -10.45
N SER A 146 -19.48 25.21 -10.18
CA SER A 146 -18.10 24.81 -10.35
C SER A 146 -17.54 23.84 -9.30
N THR A 147 -18.04 23.87 -8.07
CA THR A 147 -17.34 23.17 -7.00
C THR A 147 -18.25 22.32 -6.18
N LEU A 148 -17.99 21.01 -6.26
CA LEU A 148 -18.70 20.03 -5.48
C LEU A 148 -17.89 19.72 -4.19
N VAL A 149 -18.59 19.27 -3.18
CA VAL A 149 -17.94 18.92 -1.92
C VAL A 149 -18.41 17.54 -1.51
N GLY A 150 -17.50 16.83 -0.84
CA GLY A 150 -17.83 15.52 -0.28
C GLY A 150 -16.76 15.11 0.70
N HIS A 151 -16.78 13.79 1.00
CA HIS A 151 -15.88 13.22 1.97
C HIS A 151 -15.49 11.81 1.56
N ASP A 152 -14.31 11.40 2.03
CA ASP A 152 -13.79 10.03 1.80
CA ASP A 152 -13.82 10.04 1.82
C ASP A 152 -13.06 9.58 3.06
N THR A 153 -13.20 8.29 3.38
CA THR A 153 -12.41 7.60 4.42
CA THR A 153 -12.35 7.66 4.40
C THR A 153 -11.57 6.55 3.72
N PHE A 154 -10.28 6.62 3.92
CA PHE A 154 -9.39 5.64 3.33
C PHE A 154 -8.83 4.72 4.39
N THR A 155 -8.66 3.46 4.00
CA THR A 155 -8.07 2.42 4.87
C THR A 155 -7.03 1.64 4.10
N LYS A 156 -6.20 0.86 4.81
CA LYS A 156 -5.19 0.02 4.19
C LYS A 156 -5.75 -1.27 3.62
N VAL A 157 -7.04 -1.58 3.84
CA VAL A 157 -7.73 -2.81 3.38
C VAL A 157 -8.95 -2.37 2.51
N LYS A 158 -9.20 -3.06 1.39
CA LYS A 158 -10.36 -2.75 0.51
C LYS A 158 -11.67 -2.97 1.24
N PRO A 159 -12.68 -2.12 0.97
CA PRO A 159 -14.00 -2.28 1.61
C PRO A 159 -14.69 -3.60 1.24
N GLU B 38 33.15 -12.88 -28.19
CA GLU B 38 33.89 -12.67 -26.90
C GLU B 38 33.00 -13.04 -25.73
N ALA B 39 33.53 -13.75 -24.74
CA ALA B 39 32.70 -14.22 -23.63
C ALA B 39 32.17 -13.11 -22.70
N GLY B 40 32.92 -12.03 -22.53
CA GLY B 40 32.52 -10.89 -21.71
C GLY B 40 32.69 -11.00 -20.21
N ILE B 41 33.25 -12.12 -19.76
CA ILE B 41 33.27 -12.49 -18.35
C ILE B 41 34.59 -12.09 -17.66
N THR B 42 35.69 -12.22 -18.36
CA THR B 42 36.98 -11.87 -17.76
C THR B 42 36.97 -10.42 -17.31
N GLY B 43 37.44 -10.19 -16.06
CA GLY B 43 37.54 -8.85 -15.49
C GLY B 43 37.06 -8.81 -14.06
N THR B 44 36.67 -7.60 -13.65
CA THR B 44 36.38 -7.29 -12.26
C THR B 44 34.92 -7.06 -12.13
N TRP B 45 34.30 -7.70 -11.14
CA TRP B 45 32.88 -7.69 -10.90
C TRP B 45 32.64 -7.31 -9.45
N TYR B 46 31.56 -6.58 -9.20
CA TYR B 46 31.26 -6.02 -7.90
CA TYR B 46 31.25 -6.02 -7.90
C TYR B 46 29.84 -6.39 -7.53
N ASN B 47 29.61 -6.84 -6.30
CA ASN B 47 28.23 -7.15 -5.85
C ASN B 47 27.68 -5.92 -5.21
N GLN B 48 26.44 -6.04 -4.74
CA GLN B 48 25.77 -4.85 -4.26
C GLN B 48 26.23 -4.39 -2.87
N LEU B 49 27.04 -5.18 -2.16
CA LEU B 49 27.42 -4.88 -0.80
C LEU B 49 28.94 -4.70 -0.62
N GLY B 50 29.65 -4.48 -1.71
CA GLY B 50 31.04 -4.04 -1.64
C GLY B 50 32.08 -5.10 -1.99
N SER B 51 31.70 -6.34 -2.23
CA SER B 51 32.68 -7.37 -2.59
C SER B 51 33.13 -7.21 -4.02
N THR B 52 34.32 -7.70 -4.32
CA THR B 52 34.94 -7.56 -5.62
C THR B 52 35.51 -8.91 -5.98
N PHE B 53 35.25 -9.38 -7.19
CA PHE B 53 36.02 -10.52 -7.70
C PHE B 53 36.63 -10.22 -9.06
N ILE B 54 37.80 -10.81 -9.29
CA ILE B 54 38.53 -10.62 -10.50
C ILE B 54 38.68 -12.03 -11.06
N VAL B 55 38.20 -12.23 -12.27
CA VAL B 55 38.17 -13.57 -12.85
C VAL B 55 38.75 -13.58 -14.24
N THR B 56 39.35 -14.71 -14.61
CA THR B 56 39.69 -15.01 -15.97
C THR B 56 38.79 -16.16 -16.44
N ALA B 57 38.13 -15.94 -17.59
CA ALA B 57 37.33 -16.95 -18.26
C ALA B 57 38.20 -17.57 -19.35
N GLY B 58 38.66 -18.79 -19.07
CA GLY B 58 39.56 -19.49 -19.99
C GLY B 58 38.80 -20.06 -21.18
N ALA B 59 39.55 -20.26 -22.28
CA ALA B 59 38.95 -20.76 -23.54
C ALA B 59 38.26 -22.11 -23.39
N ASP B 60 38.77 -22.87 -22.43
CA ASP B 60 38.31 -24.23 -22.10
C ASP B 60 37.09 -24.34 -21.16
N GLY B 61 36.56 -23.22 -20.69
CA GLY B 61 35.47 -23.22 -19.73
C GLY B 61 35.84 -22.95 -18.30
N ALA B 62 37.12 -22.69 -18.02
CA ALA B 62 37.55 -22.47 -16.67
C ALA B 62 37.23 -21.06 -16.21
N LEU B 63 36.84 -20.93 -14.96
CA LEU B 63 36.85 -19.66 -14.24
C LEU B 63 37.90 -19.77 -13.15
N THR B 64 38.81 -18.81 -13.11
CA THR B 64 39.87 -18.76 -12.10
CA THR B 64 39.83 -18.78 -12.05
C THR B 64 40.08 -17.34 -11.66
N GLY B 65 40.23 -17.11 -10.36
CA GLY B 65 40.50 -15.77 -9.87
C GLY B 65 40.46 -15.65 -8.37
N THR B 66 40.08 -14.45 -7.92
CA THR B 66 40.09 -14.11 -6.52
C THR B 66 38.81 -13.45 -6.17
N TYR B 67 38.30 -13.71 -4.96
CA TYR B 67 37.15 -13.04 -4.38
C TYR B 67 37.60 -12.27 -3.17
N GLU B 68 37.21 -10.98 -3.07
CA GLU B 68 37.65 -10.11 -2.02
C GLU B 68 36.44 -9.52 -1.35
N SER B 69 36.39 -9.66 -0.02
CA SER B 69 35.29 -9.07 0.72
C SER B 69 35.36 -7.55 0.64
N ALA B 70 34.29 -6.90 1.10
CA ALA B 70 34.22 -5.44 1.12
C ALA B 70 35.32 -4.79 1.97
N VAL B 71 35.93 -5.56 2.89
CA VAL B 71 37.03 -4.99 3.69
C VAL B 71 38.22 -4.57 2.79
N GLY B 72 38.55 -5.38 1.79
CA GLY B 72 39.54 -5.00 0.79
C GLY B 72 41.01 -5.19 1.14
N ASN B 73 41.31 -5.92 2.22
CA ASN B 73 42.72 -6.19 2.61
C ASN B 73 43.23 -7.54 2.10
N ALA B 74 44.50 -7.83 2.32
CA ALA B 74 45.06 -9.16 1.98
C ALA B 74 44.34 -10.33 2.66
N GLU B 75 43.95 -10.15 3.92
CA GLU B 75 43.22 -11.17 4.68
C GLU B 75 41.80 -11.37 4.20
N SER B 76 41.30 -10.45 3.37
CA SER B 76 39.95 -10.54 2.84
CA SER B 76 39.95 -10.49 2.83
C SER B 76 39.83 -11.22 1.49
N ARG B 77 40.94 -11.71 0.95
CA ARG B 77 40.99 -12.24 -0.42
CA ARG B 77 40.99 -12.24 -0.41
C ARG B 77 41.10 -13.76 -0.39
N TYR B 78 40.34 -14.40 -1.26
CA TYR B 78 40.23 -15.86 -1.31
C TYR B 78 40.27 -16.35 -2.74
N VAL B 79 40.73 -17.58 -2.94
CA VAL B 79 40.72 -18.21 -4.25
C VAL B 79 39.31 -18.55 -4.74
N LEU B 80 39.04 -18.21 -6.00
CA LEU B 80 37.75 -18.47 -6.68
C LEU B 80 38.03 -19.43 -7.84
N THR B 81 37.27 -20.53 -7.92
CA THR B 81 37.40 -21.47 -9.01
CA THR B 81 37.38 -21.46 -9.07
C THR B 81 36.03 -21.94 -9.48
N GLY B 82 35.83 -22.03 -10.79
CA GLY B 82 34.57 -22.50 -11.31
C GLY B 82 34.61 -22.81 -12.77
N ARG B 83 33.44 -22.84 -13.39
CA ARG B 83 33.26 -23.23 -14.77
C ARG B 83 32.18 -22.37 -15.43
N TYR B 84 32.26 -22.21 -16.74
CA TYR B 84 31.19 -21.52 -17.50
C TYR B 84 31.01 -22.17 -18.84
N ASP B 85 29.84 -21.93 -19.44
CA ASP B 85 29.56 -22.37 -20.79
C ASP B 85 30.35 -21.53 -21.79
N SER B 86 31.36 -22.13 -22.42
CA SER B 86 32.19 -21.41 -23.37
C SER B 86 31.63 -21.36 -24.78
N ALA B 87 30.44 -21.95 -25.02
CA ALA B 87 29.75 -21.82 -26.30
C ALA B 87 28.27 -21.63 -26.04
N PRO B 88 27.90 -20.46 -25.49
CA PRO B 88 26.49 -20.20 -25.18
C PRO B 88 25.61 -20.14 -26.41
N ALA B 89 24.32 -20.24 -26.16
CA ALA B 89 23.37 -20.12 -27.24
C ALA B 89 23.45 -18.73 -27.83
N THR B 90 23.05 -18.60 -29.10
CA THR B 90 23.13 -17.34 -29.83
C THR B 90 21.73 -16.71 -30.00
N ASP B 91 20.78 -17.05 -29.13
CA ASP B 91 19.37 -16.65 -29.24
C ASP B 91 18.97 -15.54 -28.24
N GLY B 92 19.97 -14.92 -27.60
CA GLY B 92 19.74 -13.91 -26.58
C GLY B 92 19.76 -14.42 -25.17
N SER B 93 19.95 -15.73 -25.01
CA SER B 93 20.08 -16.33 -23.68
C SER B 93 21.40 -15.94 -23.04
N GLY B 94 21.39 -15.89 -21.73
CA GLY B 94 22.59 -15.66 -20.97
C GLY B 94 23.53 -16.89 -20.97
N THR B 95 24.69 -16.66 -20.35
CA THR B 95 25.78 -17.66 -20.31
C THR B 95 25.81 -18.26 -18.92
N ALA B 96 25.51 -19.56 -18.85
CA ALA B 96 25.49 -20.24 -17.53
C ALA B 96 26.91 -20.39 -16.94
N LEU B 97 27.00 -20.28 -15.63
CA LEU B 97 28.27 -20.40 -14.94
C LEU B 97 28.07 -20.73 -13.45
N GLY B 98 29.18 -21.09 -12.80
CA GLY B 98 29.17 -21.24 -11.37
C GLY B 98 30.58 -21.19 -10.82
N TRP B 99 30.71 -20.85 -9.55
CA TRP B 99 32.03 -20.91 -8.90
C TRP B 99 31.91 -21.13 -7.44
N THR B 100 33.05 -21.55 -6.86
CA THR B 100 33.16 -21.79 -5.45
C THR B 100 34.29 -20.98 -4.83
N VAL B 101 34.06 -20.51 -3.60
CA VAL B 101 35.11 -19.98 -2.72
C VAL B 101 35.04 -20.77 -1.43
N ALA B 102 36.14 -21.46 -1.07
CA ALA B 102 36.30 -21.93 0.29
C ALA B 102 36.92 -20.83 1.15
N TRP B 103 36.35 -20.57 2.33
CA TRP B 103 36.68 -19.37 3.09
C TRP B 103 37.91 -19.66 4.00
N LYS B 104 38.97 -20.20 3.40
CA LYS B 104 40.28 -20.34 4.04
C LYS B 104 41.27 -19.65 3.13
N ASN B 105 42.12 -18.80 3.73
CA ASN B 105 43.27 -18.24 3.03
C ASN B 105 44.45 -18.37 3.98
N ASN B 106 45.54 -17.68 3.67
CA ASN B 106 46.72 -17.81 4.49
C ASN B 106 46.61 -17.16 5.89
N TYR B 107 45.54 -16.37 6.09
CA TYR B 107 45.33 -15.61 7.31
C TYR B 107 44.14 -16.03 8.19
N ARG B 108 43.08 -16.56 7.59
CA ARG B 108 41.82 -16.85 8.31
C ARG B 108 41.20 -18.12 7.76
N ASN B 109 40.36 -18.75 8.57
CA ASN B 109 39.60 -19.93 8.10
C ASN B 109 38.22 -19.98 8.76
N ALA B 110 37.17 -19.77 7.97
CA ALA B 110 35.79 -19.79 8.46
C ALA B 110 35.10 -21.13 8.29
N HIS B 111 35.87 -22.16 7.98
CA HIS B 111 35.40 -23.55 7.86
C HIS B 111 34.05 -23.62 7.14
N SER B 112 34.11 -23.14 5.92
CA SER B 112 32.92 -23.01 5.09
C SER B 112 33.27 -22.76 3.65
N ALA B 113 32.28 -22.92 2.77
CA ALA B 113 32.47 -22.70 1.36
C ALA B 113 31.16 -22.21 0.78
N THR B 114 31.26 -21.28 -0.18
CA THR B 114 30.10 -20.76 -0.90
C THR B 114 30.20 -21.12 -2.34
N THR B 115 29.06 -21.57 -2.90
CA THR B 115 28.92 -21.70 -4.32
C THR B 115 27.92 -20.68 -4.84
N TRP B 116 28.27 -20.05 -5.95
CA TRP B 116 27.36 -19.13 -6.69
C TRP B 116 27.03 -19.82 -7.99
N SER B 117 25.75 -19.88 -8.28
CA SER B 117 25.19 -20.44 -9.51
C SER B 117 24.44 -19.33 -10.22
N GLY B 118 24.71 -19.16 -11.52
CA GLY B 118 23.98 -18.06 -12.21
C GLY B 118 24.28 -17.98 -13.67
N GLN B 119 24.03 -16.77 -14.20
CA GLN B 119 24.30 -16.57 -15.62
C GLN B 119 24.78 -15.15 -15.84
N TYR B 120 25.68 -15.04 -16.80
CA TYR B 120 26.12 -13.77 -17.34
C TYR B 120 25.16 -13.30 -18.40
N VAL B 121 24.80 -12.01 -18.33
CA VAL B 121 23.86 -11.33 -19.25
C VAL B 121 24.62 -10.14 -19.82
N GLY B 122 24.99 -10.27 -21.07
CA GLY B 122 25.73 -9.23 -21.79
C GLY B 122 24.87 -8.00 -22.13
N GLY B 123 25.53 -6.98 -22.67
CA GLY B 123 24.87 -5.79 -23.20
C GLY B 123 25.44 -4.54 -22.58
N ALA B 124 24.67 -3.47 -22.66
CA ALA B 124 25.14 -2.14 -22.24
C ALA B 124 25.55 -2.05 -20.78
N GLU B 125 24.83 -2.75 -19.90
CA GLU B 125 25.14 -2.85 -18.46
C GLU B 125 25.20 -4.35 -18.13
N ALA B 126 26.33 -4.95 -18.44
CA ALA B 126 26.52 -6.40 -18.23
C ALA B 126 26.33 -6.74 -16.77
N ARG B 127 25.79 -7.93 -16.54
CA ARG B 127 25.53 -8.37 -15.16
C ARG B 127 25.80 -9.86 -15.05
N ILE B 128 26.13 -10.29 -13.85
CA ILE B 128 26.09 -11.70 -13.50
C ILE B 128 25.08 -11.85 -12.37
N ASN B 129 24.01 -12.58 -12.65
CA ASN B 129 22.91 -12.78 -11.69
C ASN B 129 23.09 -14.14 -11.08
N THR B 130 23.10 -14.19 -9.75
CA THR B 130 23.41 -15.44 -9.06
C THR B 130 22.56 -15.70 -7.85
N GLN B 131 22.52 -17.01 -7.50
CA GLN B 131 22.02 -17.47 -6.20
C GLN B 131 23.16 -18.26 -5.57
N TRP B 132 23.27 -18.18 -4.25
CA TRP B 132 24.40 -18.83 -3.57
C TRP B 132 23.95 -19.72 -2.45
N LEU B 133 24.82 -20.71 -2.15
CA LEU B 133 24.66 -21.63 -1.03
C LEU B 133 25.98 -21.55 -0.24
N LEU B 134 25.87 -21.27 1.04
CA LEU B 134 27.03 -21.17 1.94
CA LEU B 134 27.02 -21.18 1.94
C LEU B 134 26.90 -22.35 2.93
N THR B 135 27.79 -23.34 2.80
CA THR B 135 27.75 -24.46 3.72
C THR B 135 28.93 -24.34 4.68
N SER B 136 28.64 -24.49 5.94
CA SER B 136 29.65 -24.52 6.99
CA SER B 136 29.65 -24.52 6.99
C SER B 136 29.83 -25.95 7.48
N GLY B 137 31.06 -26.30 7.86
CA GLY B 137 31.26 -27.60 8.46
C GLY B 137 30.57 -27.65 9.81
N THR B 138 29.83 -28.72 10.07
CA THR B 138 29.10 -28.87 11.31
C THR B 138 29.17 -30.29 11.77
N THR B 139 28.83 -30.49 13.04
CA THR B 139 28.59 -31.84 13.55
C THR B 139 27.27 -32.33 12.95
N GLU B 140 27.01 -33.63 13.06
CA GLU B 140 25.75 -34.18 12.56
C GLU B 140 24.57 -33.53 13.26
N ALA B 141 24.68 -33.31 14.55
CA ALA B 141 23.59 -32.75 15.33
C ALA B 141 23.27 -31.31 14.93
N ASN B 142 24.27 -30.62 14.39
CA ASN B 142 24.08 -29.23 13.95
C ASN B 142 23.92 -29.09 12.45
N ALA B 143 23.70 -30.18 11.71
CA ALA B 143 23.62 -30.12 10.26
C ALA B 143 22.43 -29.33 9.79
N TRP B 144 21.40 -29.23 10.63
CA TRP B 144 20.23 -28.43 10.26
C TRP B 144 20.61 -26.98 9.93
N LYS B 145 21.64 -26.45 10.58
CA LYS B 145 22.08 -25.08 10.39
C LYS B 145 23.32 -25.00 9.52
N SER B 146 23.57 -26.02 8.70
CA SER B 146 24.76 -26.00 7.90
C SER B 146 24.73 -25.15 6.64
N THR B 147 23.56 -24.94 6.03
CA THR B 147 23.55 -24.36 4.69
C THR B 147 22.62 -23.15 4.64
N LEU B 148 23.24 -21.98 4.41
CA LEU B 148 22.52 -20.72 4.17
C LEU B 148 22.33 -20.54 2.68
N VAL B 149 21.27 -19.79 2.33
CA VAL B 149 20.99 -19.46 0.96
C VAL B 149 20.81 -17.94 0.81
N GLY B 150 21.18 -17.44 -0.37
CA GLY B 150 20.98 -16.02 -0.69
C GLY B 150 21.23 -15.79 -2.14
N HIS B 151 21.41 -14.50 -2.49
CA HIS B 151 21.56 -14.10 -3.89
C HIS B 151 22.55 -12.93 -4.00
N ASP B 152 23.11 -12.77 -5.18
CA ASP B 152 23.96 -11.64 -5.48
C ASP B 152 23.81 -11.28 -6.94
N THR B 153 23.91 -9.99 -7.21
CA THR B 153 23.98 -9.44 -8.56
CA THR B 153 24.02 -9.52 -8.59
C THR B 153 25.32 -8.73 -8.68
N PHE B 154 26.06 -9.07 -9.72
CA PHE B 154 27.35 -8.49 -9.95
C PHE B 154 27.32 -7.63 -11.19
N THR B 155 28.01 -6.49 -11.11
CA THR B 155 28.18 -5.59 -12.25
C THR B 155 29.63 -5.19 -12.43
N LYS B 156 29.97 -4.60 -13.58
CA LYS B 156 31.32 -4.15 -13.88
C LYS B 156 31.66 -2.80 -13.23
N VAL B 157 30.65 -2.15 -12.63
CA VAL B 157 30.79 -0.83 -11.95
C VAL B 157 30.30 -1.04 -10.48
N LYS B 158 31.04 -0.42 -9.54
CA LYS B 158 30.66 -0.61 -8.10
C LYS B 158 29.21 -0.16 -7.84
N GLU C 1 29.52 -9.03 17.35
CA GLU C 1 29.00 -10.30 16.73
C GLU C 1 29.72 -10.54 15.41
N TRP C 2 30.09 -11.79 15.21
CA TRP C 2 30.90 -12.18 14.09
C TRP C 2 30.10 -12.10 12.83
N VAL C 3 30.74 -11.55 11.81
CA VAL C 3 30.15 -11.53 10.49
C VAL C 3 31.05 -12.39 9.63
N HIS C 4 30.46 -13.36 8.91
CA HIS C 4 31.21 -14.24 8.01
C HIS C 4 31.93 -13.41 6.93
N PRO C 5 33.12 -13.85 6.50
CA PRO C 5 33.89 -13.03 5.54
C PRO C 5 33.24 -12.67 4.24
N GLN C 6 32.32 -13.48 3.74
CA GLN C 6 31.60 -13.16 2.53
C GLN C 6 30.90 -11.80 2.67
N PHE C 7 30.45 -11.47 3.88
CA PHE C 7 29.53 -10.32 4.10
C PHE C 7 30.18 -9.18 4.88
N GLU C 8 31.38 -9.37 5.37
CA GLU C 8 32.00 -8.42 6.26
C GLU C 8 32.22 -7.06 5.58
N GLN C 9 32.10 -6.00 6.37
CA GLN C 9 32.18 -4.62 5.88
C GLN C 9 33.37 -3.95 6.53
N LYS C 10 33.88 -2.90 5.88
CA LYS C 10 34.88 -2.03 6.50
C LYS C 10 34.32 -1.45 7.79
N ALA C 11 35.18 -1.32 8.80
CA ALA C 11 34.75 -1.10 10.20
C ALA C 11 34.08 0.27 10.46
N GLU D 1 -25.54 7.56 -18.24
CA GLU D 1 -25.18 8.95 -17.83
C GLU D 1 -23.72 9.03 -17.34
N TRP D 2 -23.06 10.12 -17.69
CA TRP D 2 -21.63 10.29 -17.44
C TRP D 2 -21.35 10.42 -15.95
N VAL D 3 -20.42 9.58 -15.48
CA VAL D 3 -19.90 9.64 -14.12
C VAL D 3 -18.45 10.13 -14.14
N HIS D 4 -18.18 11.17 -13.36
CA HIS D 4 -16.86 11.76 -13.30
C HIS D 4 -15.82 10.67 -12.89
N PRO D 5 -14.60 10.74 -13.43
CA PRO D 5 -13.62 9.66 -13.13
C PRO D 5 -13.32 9.38 -11.67
N GLN D 6 -13.39 10.37 -10.79
CA GLN D 6 -13.19 10.14 -9.38
C GLN D 6 -14.09 9.02 -8.84
N PHE D 7 -15.28 8.88 -9.39
CA PHE D 7 -16.36 8.08 -8.84
C PHE D 7 -16.77 6.89 -9.72
N GLU D 8 -16.29 6.84 -10.95
CA GLU D 8 -16.74 5.83 -11.90
C GLU D 8 -16.49 4.44 -11.32
N GLN D 9 -17.41 3.53 -11.65
CA GLN D 9 -17.39 2.18 -11.12
C GLN D 9 -17.22 1.16 -12.24
N LYS D 10 -16.76 -0.02 -11.89
CA LYS D 10 -16.77 -1.19 -12.79
C LYS D 10 -18.22 -1.54 -13.18
N ALA D 11 -18.45 -1.91 -14.43
CA ALA D 11 -19.79 -2.30 -14.90
C ALA D 11 -20.20 -3.69 -14.39
N GLU E 38 1.81 30.15 -21.85
CA GLU E 38 0.43 30.21 -22.44
C GLU E 38 -0.68 29.88 -21.43
N ALA E 39 -0.39 29.04 -20.42
CA ALA E 39 -1.41 28.69 -19.39
C ALA E 39 -1.85 29.85 -18.50
N GLY E 40 -0.96 30.84 -18.32
CA GLY E 40 -1.30 32.06 -17.60
C GLY E 40 -1.23 31.99 -16.10
N ILE E 41 -0.85 30.84 -15.56
CA ILE E 41 -0.87 30.57 -14.12
C ILE E 41 0.46 30.94 -13.45
N THR E 42 1.58 30.57 -14.09
CA THR E 42 2.89 30.86 -13.54
C THR E 42 3.04 32.34 -13.19
N GLY E 43 3.52 32.61 -11.99
CA GLY E 43 3.77 33.96 -11.52
C GLY E 43 3.34 34.16 -10.11
N THR E 44 3.24 35.42 -9.72
CA THR E 44 2.89 35.76 -8.35
C THR E 44 1.46 36.22 -8.27
N TRP E 45 0.73 35.79 -7.24
CA TRP E 45 -0.65 36.12 -7.03
C TRP E 45 -0.83 36.49 -5.57
N TYR E 46 -1.91 37.23 -5.28
CA TYR E 46 -2.18 37.68 -3.92
CA TYR E 46 -2.21 37.71 -3.93
C TYR E 46 -3.64 37.44 -3.57
N ASN E 47 -3.94 36.95 -2.37
CA ASN E 47 -5.32 36.86 -1.95
C ASN E 47 -5.81 38.15 -1.29
N GLN E 48 -7.05 38.12 -0.86
CA GLN E 48 -7.69 39.30 -0.26
C GLN E 48 -7.11 39.71 1.09
N LEU E 49 -6.37 38.81 1.74
CA LEU E 49 -5.71 39.08 3.02
C LEU E 49 -4.25 39.52 2.86
N GLY E 50 -3.75 39.55 1.62
CA GLY E 50 -2.39 39.95 1.34
C GLY E 50 -1.37 38.82 1.36
N SER E 51 -1.83 37.58 1.34
CA SER E 51 -0.88 36.50 1.19
CA SER E 51 -0.91 36.46 1.16
C SER E 51 -0.27 36.52 -0.21
N THR E 52 0.91 35.92 -0.35
CA THR E 52 1.62 35.89 -1.62
C THR E 52 1.81 34.45 -2.07
N PHE E 53 1.21 34.11 -3.20
CA PHE E 53 1.17 32.76 -3.75
C PHE E 53 2.08 32.80 -4.99
N ILE E 54 3.23 32.15 -4.92
CA ILE E 54 4.21 32.14 -6.00
C ILE E 54 4.15 30.77 -6.58
N VAL E 55 3.77 30.64 -7.83
CA VAL E 55 3.50 29.34 -8.44
C VAL E 55 4.16 29.21 -9.79
N THR E 56 4.56 27.98 -10.10
CA THR E 56 5.01 27.58 -11.42
C THR E 56 4.13 26.45 -11.90
N ALA E 57 3.59 26.61 -13.11
CA ALA E 57 2.76 25.62 -13.76
C ALA E 57 3.58 24.92 -14.82
N GLY E 58 3.92 23.67 -14.52
CA GLY E 58 4.78 22.81 -15.37
C GLY E 58 4.01 22.22 -16.54
N ALA E 59 4.72 21.85 -17.61
CA ALA E 59 4.05 21.40 -18.84
C ALA E 59 3.24 20.12 -18.62
N ASP E 60 3.63 19.35 -17.60
CA ASP E 60 3.03 18.07 -17.26
C ASP E 60 1.78 18.15 -16.36
N GLY E 61 1.36 19.35 -15.96
CA GLY E 61 0.29 19.48 -15.01
C GLY E 61 0.68 19.76 -13.57
N ALA E 62 1.97 19.84 -13.28
CA ALA E 62 2.45 20.09 -11.92
C ALA E 62 2.35 21.56 -11.54
N LEU E 63 1.91 21.80 -10.30
CA LEU E 63 2.05 23.13 -9.64
C LEU E 63 3.10 22.99 -8.55
N THR E 64 4.06 23.90 -8.55
CA THR E 64 5.04 23.98 -7.51
C THR E 64 5.17 25.43 -7.12
N GLY E 65 5.67 25.69 -5.94
CA GLY E 65 5.99 27.02 -5.52
C GLY E 65 5.95 27.23 -4.04
N THR E 66 5.65 28.46 -3.63
CA THR E 66 5.62 28.84 -2.24
C THR E 66 4.39 29.67 -1.90
N TYR E 67 3.98 29.57 -0.66
CA TYR E 67 2.85 30.32 -0.15
C TYR E 67 3.33 31.09 1.06
N GLU E 68 3.17 32.40 1.06
CA GLU E 68 3.68 33.24 2.14
C GLU E 68 2.52 34.00 2.75
N SER E 69 2.39 33.99 4.06
CA SER E 69 1.35 34.74 4.70
C SER E 69 1.57 36.23 4.49
N ALA E 70 0.55 36.99 4.84
CA ALA E 70 0.66 38.46 4.77
C ALA E 70 1.79 39.04 5.64
N VAL E 71 2.28 38.29 6.64
CA VAL E 71 3.43 38.78 7.44
C VAL E 71 4.62 39.08 6.53
N GLY E 72 4.79 38.27 5.48
CA GLY E 72 5.65 38.67 4.38
C GLY E 72 7.14 38.54 4.62
N ASN E 73 7.53 37.44 5.23
CA ASN E 73 8.94 37.09 5.39
C ASN E 73 9.18 35.59 5.21
N ALA E 74 10.44 35.19 5.17
CA ALA E 74 10.82 33.78 5.04
C ALA E 74 10.25 32.85 6.13
N GLU E 75 10.14 33.33 7.38
CA GLU E 75 9.52 32.53 8.45
C GLU E 75 8.04 32.21 8.19
N SER E 76 7.42 32.99 7.31
CA SER E 76 6.02 32.85 6.98
CA SER E 76 6.02 32.87 6.97
C SER E 76 5.78 32.24 5.62
N ARG E 77 6.79 31.57 5.05
CA ARG E 77 6.77 31.02 3.71
C ARG E 77 6.84 29.50 3.74
N TYR E 78 5.98 28.82 2.95
CA TYR E 78 5.80 27.39 2.99
C TYR E 78 5.81 26.85 1.59
N VAL E 79 6.26 25.59 1.46
CA VAL E 79 6.19 24.89 0.18
C VAL E 79 4.73 24.56 -0.15
N LEU E 80 4.43 24.59 -1.44
CA LEU E 80 3.16 24.04 -1.93
C LEU E 80 3.44 23.13 -3.12
N THR E 81 2.57 22.15 -3.30
CA THR E 81 2.52 21.39 -4.52
CA THR E 81 2.51 21.41 -4.55
C THR E 81 1.06 21.17 -4.90
N GLY E 82 0.81 21.00 -6.18
CA GLY E 82 -0.50 20.70 -6.64
C GLY E 82 -0.52 20.30 -8.09
N ARG E 83 -1.71 20.43 -8.70
CA ARG E 83 -1.93 20.00 -10.08
C ARG E 83 -2.84 20.98 -10.75
N TYR E 84 -2.74 21.04 -12.07
CA TYR E 84 -3.70 21.83 -12.88
C TYR E 84 -3.96 21.13 -14.20
N ASP E 85 -5.06 21.50 -14.85
CA ASP E 85 -5.42 20.99 -16.17
C ASP E 85 -4.54 21.71 -17.21
N SER E 86 -3.58 20.99 -17.77
CA SER E 86 -2.62 21.52 -18.75
C SER E 86 -3.19 21.60 -20.17
N ALA E 87 -4.43 21.15 -20.40
CA ALA E 87 -5.10 21.32 -21.71
C ALA E 87 -6.56 21.68 -21.45
N PRO E 88 -6.81 22.91 -20.96
CA PRO E 88 -8.16 23.28 -20.67
C PRO E 88 -9.05 23.38 -21.92
N ALA E 89 -10.36 23.42 -21.68
CA ALA E 89 -11.31 23.60 -22.76
C ALA E 89 -11.05 24.94 -23.40
N THR E 90 -11.44 25.08 -24.66
CA THR E 90 -11.19 26.29 -25.44
C THR E 90 -12.48 27.08 -25.68
N ASP E 91 -13.47 26.88 -24.81
CA ASP E 91 -14.82 27.46 -24.97
C ASP E 91 -15.06 28.63 -24.01
N GLY E 92 -13.99 29.18 -23.42
CA GLY E 92 -14.12 30.26 -22.43
C GLY E 92 -14.16 29.77 -20.99
N SER E 93 -14.10 28.46 -20.77
CA SER E 93 -14.07 27.92 -19.41
C SER E 93 -12.75 28.22 -18.74
N GLY E 94 -12.77 28.27 -17.41
CA GLY E 94 -11.53 28.40 -16.63
C GLY E 94 -10.74 27.12 -16.60
N THR E 95 -9.56 27.24 -16.00
CA THR E 95 -8.59 26.12 -15.88
C THR E 95 -8.64 25.58 -14.45
N ALA E 96 -9.10 24.33 -14.30
CA ALA E 96 -9.20 23.72 -12.96
C ALA E 96 -7.82 23.47 -12.38
N LEU E 97 -7.73 23.62 -11.07
CA LEU E 97 -6.48 23.41 -10.36
C LEU E 97 -6.72 23.20 -8.88
N GLY E 98 -5.68 22.71 -8.20
CA GLY E 98 -5.69 22.65 -6.75
C GLY E 98 -4.30 22.59 -6.23
N TRP E 99 -4.10 22.98 -4.99
CA TRP E 99 -2.79 22.81 -4.32
C TRP E 99 -2.94 22.67 -2.84
N THR E 100 -1.85 22.19 -2.21
CA THR E 100 -1.80 21.95 -0.78
C THR E 100 -0.59 22.64 -0.20
N VAL E 101 -0.79 23.23 0.98
CA VAL E 101 0.30 23.65 1.86
C VAL E 101 0.17 22.88 3.16
N ALA E 102 1.23 22.15 3.56
CA ALA E 102 1.34 21.69 4.95
C ALA E 102 2.06 22.76 5.73
N TRP E 103 1.52 23.18 6.86
CA TRP E 103 1.99 24.37 7.57
C TRP E 103 3.20 24.09 8.47
N LYS E 104 4.20 23.50 7.85
CA LYS E 104 5.51 23.25 8.45
C LYS E 104 6.59 23.82 7.53
N ASN E 105 7.45 24.64 8.10
CA ASN E 105 8.64 25.05 7.36
C ASN E 105 9.81 24.90 8.33
N ASN E 106 10.96 25.46 7.98
CA ASN E 106 12.11 25.28 8.84
C ASN E 106 12.00 26.04 10.17
N TYR E 107 10.99 26.88 10.33
CA TYR E 107 10.81 27.73 11.49
C TYR E 107 9.69 27.33 12.41
N ARG E 108 8.58 26.87 11.83
CA ARG E 108 7.32 26.74 12.53
C ARG E 108 6.58 25.49 12.05
N ASN E 109 5.73 24.95 12.90
CA ASN E 109 4.89 23.82 12.52
C ASN E 109 3.53 23.96 13.19
N ALA E 110 2.52 24.25 12.38
CA ALA E 110 1.13 24.39 12.89
C ALA E 110 0.30 23.11 12.80
N HIS E 111 0.97 21.99 12.50
CA HIS E 111 0.34 20.68 12.52
C HIS E 111 -1.02 20.69 11.80
N SER E 112 -0.96 21.12 10.55
CA SER E 112 -2.17 21.35 9.76
C SER E 112 -1.79 21.46 8.29
N ALA E 113 -2.80 21.36 7.43
CA ALA E 113 -2.60 21.49 6.01
C ALA E 113 -3.87 22.08 5.40
N THR E 114 -3.63 22.93 4.42
CA THR E 114 -4.73 23.56 3.65
C THR E 114 -4.69 23.11 2.22
N THR E 115 -5.87 22.78 1.66
CA THR E 115 -6.01 22.61 0.26
C THR E 115 -6.86 23.71 -0.33
N TRP E 116 -6.44 24.27 -1.45
CA TRP E 116 -7.24 25.18 -2.25
C TRP E 116 -7.67 24.47 -3.49
N SER E 117 -8.96 24.54 -3.82
CA SER E 117 -9.51 23.97 -5.03
C SER E 117 -10.17 25.10 -5.80
N GLY E 118 -9.93 25.20 -7.10
CA GLY E 118 -10.56 26.32 -7.80
C GLY E 118 -10.22 26.32 -9.26
N GLN E 119 -10.35 27.49 -9.86
CA GLN E 119 -10.03 27.62 -11.27
C GLN E 119 -9.43 28.97 -11.56
N TYR E 120 -8.51 28.94 -12.52
CA TYR E 120 -7.91 30.15 -13.10
C TYR E 120 -8.80 30.67 -14.21
N VAL E 121 -9.07 31.99 -14.14
CA VAL E 121 -9.84 32.71 -15.15
C VAL E 121 -8.94 33.82 -15.71
N GLY E 122 -8.55 33.70 -16.96
CA GLY E 122 -7.62 34.65 -17.58
C GLY E 122 -8.25 35.95 -17.97
N GLY E 123 -7.40 36.89 -18.37
CA GLY E 123 -7.78 38.19 -18.97
C GLY E 123 -7.19 39.35 -18.21
N ALA E 124 -7.70 40.55 -18.51
CA ALA E 124 -7.16 41.76 -17.93
C ALA E 124 -7.39 41.84 -16.44
N GLU E 125 -8.46 41.19 -15.96
CA GLU E 125 -8.73 41.06 -14.54
C GLU E 125 -8.66 39.56 -14.20
N ALA E 126 -7.49 39.00 -14.45
CA ALA E 126 -7.22 37.60 -14.15
C ALA E 126 -7.44 37.28 -12.69
N ARG E 127 -7.96 36.07 -12.46
CA ARG E 127 -8.31 35.62 -11.12
C ARG E 127 -7.99 34.16 -10.96
N ILE E 128 -7.67 33.77 -9.73
CA ILE E 128 -7.80 32.36 -9.35
C ILE E 128 -8.85 32.35 -8.20
N ASN E 129 -10.02 31.77 -8.50
CA ASN E 129 -11.11 31.72 -7.57
C ASN E 129 -11.06 30.36 -6.87
N THR E 130 -11.09 30.37 -5.55
CA THR E 130 -10.89 29.13 -4.79
C THR E 130 -11.81 29.01 -3.60
N GLN E 131 -11.95 27.75 -3.18
CA GLN E 131 -12.45 27.42 -1.87
CA GLN E 131 -12.50 27.35 -1.89
C GLN E 131 -11.38 26.58 -1.19
N TRP E 132 -11.25 26.68 0.14
CA TRP E 132 -10.20 25.94 0.83
C TRP E 132 -10.79 25.17 2.00
N LEU E 133 -10.00 24.12 2.35
CA LEU E 133 -10.24 23.32 3.52
C LEU E 133 -8.94 23.27 4.32
N LEU E 134 -9.00 23.62 5.58
CA LEU E 134 -7.85 23.63 6.48
C LEU E 134 -8.10 22.55 7.53
N THR E 135 -7.33 21.44 7.44
CA THR E 135 -7.45 20.39 8.44
C THR E 135 -6.25 20.43 9.39
N SER E 136 -6.56 20.42 10.67
CA SER E 136 -5.52 20.35 11.70
CA SER E 136 -5.51 20.34 11.69
C SER E 136 -5.48 18.93 12.29
N GLY E 137 -4.28 18.46 12.64
CA GLY E 137 -4.17 17.18 13.32
C GLY E 137 -4.84 17.31 14.68
N THR E 138 -5.75 16.37 14.99
CA THR E 138 -6.45 16.41 16.26
C THR E 138 -6.44 15.02 16.86
N THR E 139 -6.78 14.98 18.14
CA THR E 139 -7.14 13.69 18.73
C THR E 139 -8.50 13.25 18.15
N GLU E 140 -8.89 11.98 18.37
CA GLU E 140 -10.17 11.50 17.83
C GLU E 140 -11.33 12.26 18.52
N ALA E 141 -11.18 12.61 19.81
CA ALA E 141 -12.28 13.29 20.53
C ALA E 141 -12.48 14.70 20.02
N ASN E 142 -11.41 15.30 19.48
CA ASN E 142 -11.45 16.66 18.95
C ASN E 142 -11.60 16.71 17.44
N ALA E 143 -11.91 15.61 16.77
CA ALA E 143 -12.01 15.59 15.32
C ALA E 143 -13.15 16.48 14.78
N TRP E 144 -14.19 16.68 15.58
CA TRP E 144 -15.28 17.59 15.18
C TRP E 144 -14.77 18.98 14.81
N LYS E 145 -13.67 19.42 15.43
CA LYS E 145 -13.11 20.74 15.13
C LYS E 145 -11.90 20.68 14.24
N SER E 146 -11.72 19.59 13.50
CA SER E 146 -10.51 19.44 12.70
C SER E 146 -10.49 20.23 11.40
N THR E 147 -11.67 20.50 10.78
CA THR E 147 -11.63 21.04 9.42
C THR E 147 -12.46 22.32 9.27
N LEU E 148 -11.74 23.38 8.97
CA LEU E 148 -12.32 24.69 8.66
C LEU E 148 -12.46 24.83 7.17
N VAL E 149 -13.48 25.64 6.77
CA VAL E 149 -13.71 25.91 5.36
C VAL E 149 -13.79 27.42 5.11
N GLY E 150 -13.33 27.83 3.95
CA GLY E 150 -13.42 29.23 3.55
C GLY E 150 -13.19 29.35 2.07
N HIS E 151 -12.96 30.61 1.65
CA HIS E 151 -12.76 30.89 0.25
C HIS E 151 -11.75 32.03 0.09
N ASP E 152 -10.95 31.95 -0.97
CA ASP E 152 -9.96 32.96 -1.32
CA ASP E 152 -9.98 32.98 -1.31
C ASP E 152 -10.08 33.33 -2.79
N THR E 153 -9.91 34.63 -3.07
CA THR E 153 -9.81 35.10 -4.42
C THR E 153 -8.39 35.64 -4.64
N PHE E 154 -7.68 35.09 -5.62
CA PHE E 154 -6.36 35.53 -5.94
C PHE E 154 -6.38 36.41 -7.16
N THR E 155 -5.64 37.52 -7.07
CA THR E 155 -5.47 38.46 -8.19
C THR E 155 -4.03 38.78 -8.39
N LYS E 156 -3.73 39.49 -9.49
CA LYS E 156 -2.36 39.84 -9.81
C LYS E 156 -1.82 41.04 -9.06
N VAL E 157 -2.67 41.77 -8.34
CA VAL E 157 -2.25 42.96 -7.63
C VAL E 157 -2.64 42.82 -6.16
N LYS E 158 -1.88 43.41 -5.23
CA LYS E 158 -2.24 43.35 -3.79
C LYS E 158 -3.52 44.07 -3.48
N PRO E 159 -4.24 43.59 -2.44
CA PRO E 159 -5.47 44.31 -2.04
C PRO E 159 -5.22 45.71 -1.45
N GLU F 38 45.05 -37.51 3.66
CA GLU F 38 44.50 -37.22 5.03
C GLU F 38 43.12 -36.54 5.01
N ALA F 39 42.78 -35.75 3.98
CA ALA F 39 41.42 -35.13 3.91
C ALA F 39 40.28 -36.10 3.72
N GLY F 40 40.55 -37.28 3.12
CA GLY F 40 39.51 -38.26 2.91
C GLY F 40 38.60 -38.09 1.71
N ILE F 41 38.85 -37.04 0.93
CA ILE F 41 37.92 -36.65 -0.15
C ILE F 41 38.35 -37.25 -1.50
N THR F 42 39.66 -37.26 -1.80
CA THR F 42 40.12 -37.83 -3.06
C THR F 42 39.57 -39.24 -3.25
N GLY F 43 39.06 -39.52 -4.43
CA GLY F 43 38.54 -40.81 -4.75
C GLY F 43 37.29 -40.74 -5.56
N THR F 44 36.61 -41.87 -5.66
CA THR F 44 35.39 -41.96 -6.41
C THR F 44 34.22 -42.06 -5.47
N TRP F 45 33.14 -41.33 -5.82
CA TRP F 45 31.95 -41.29 -5.03
C TRP F 45 30.73 -41.44 -5.96
N TYR F 46 29.62 -41.84 -5.37
CA TYR F 46 28.42 -42.09 -6.16
CA TYR F 46 28.39 -42.16 -6.09
C TYR F 46 27.23 -41.44 -5.47
N ASN F 47 26.40 -40.77 -6.25
CA ASN F 47 25.16 -40.22 -5.67
C ASN F 47 24.07 -41.29 -5.67
N GLN F 48 22.86 -40.92 -5.23
CA GLN F 48 21.88 -41.97 -5.06
C GLN F 48 21.12 -42.30 -6.35
N LEU F 49 21.43 -41.62 -7.45
CA LEU F 49 20.83 -41.82 -8.76
C LEU F 49 21.81 -42.45 -9.74
N GLY F 50 22.99 -42.84 -9.25
CA GLY F 50 23.97 -43.58 -10.05
C GLY F 50 25.01 -42.76 -10.75
N SER F 51 25.08 -41.46 -10.48
CA SER F 51 26.15 -40.71 -11.09
CA SER F 51 26.16 -40.65 -11.02
C SER F 51 27.46 -41.03 -10.37
N THR F 52 28.57 -40.74 -11.03
CA THR F 52 29.89 -41.02 -10.51
C THR F 52 30.70 -39.73 -10.48
N PHE F 53 31.19 -39.37 -9.28
CA PHE F 53 31.91 -38.15 -9.01
C PHE F 53 33.34 -38.59 -8.67
N ILE F 54 34.28 -38.25 -9.53
CA ILE F 54 35.73 -38.65 -9.38
C ILE F 54 36.44 -37.36 -9.08
N VAL F 55 37.01 -37.25 -7.90
CA VAL F 55 37.56 -35.99 -7.44
C VAL F 55 38.97 -36.17 -6.88
N THR F 56 39.81 -35.17 -7.01
CA THR F 56 41.06 -35.05 -6.38
C THR F 56 41.06 -33.79 -5.53
N ALA F 57 41.42 -33.92 -4.27
CA ALA F 57 41.52 -32.81 -3.30
C ALA F 57 43.01 -32.45 -3.16
N GLY F 58 43.44 -31.32 -3.71
CA GLY F 58 44.83 -30.87 -3.66
C GLY F 58 45.15 -30.24 -2.33
N ALA F 59 46.44 -30.16 -2.05
CA ALA F 59 46.94 -29.73 -0.75
C ALA F 59 46.57 -28.27 -0.47
N ASP F 60 46.36 -27.52 -1.55
CA ASP F 60 46.06 -26.10 -1.56
C ASP F 60 44.56 -25.73 -1.46
N GLY F 61 43.68 -26.71 -1.28
CA GLY F 61 42.22 -26.46 -1.29
C GLY F 61 41.51 -26.68 -2.61
N ALA F 62 42.21 -27.07 -3.66
CA ALA F 62 41.59 -27.27 -4.98
C ALA F 62 40.86 -28.60 -5.07
N LEU F 63 39.66 -28.58 -5.65
CA LEU F 63 39.00 -29.80 -6.15
C LEU F 63 39.08 -29.82 -7.64
N THR F 64 39.44 -30.98 -8.21
CA THR F 64 39.45 -31.17 -9.65
C THR F 64 38.90 -32.56 -9.91
N GLY F 65 38.35 -32.79 -11.08
CA GLY F 65 37.87 -34.11 -11.42
C GLY F 65 36.85 -34.13 -12.51
N THR F 66 36.03 -35.18 -12.51
CA THR F 66 35.04 -35.39 -13.51
C THR F 66 33.74 -35.82 -12.86
N TYR F 67 32.66 -35.46 -13.51
CA TYR F 67 31.34 -35.90 -13.09
C TYR F 67 30.73 -36.66 -14.25
N GLU F 68 30.20 -37.86 -13.98
CA GLU F 68 29.71 -38.71 -15.02
C GLU F 68 28.31 -39.11 -14.68
N SER F 69 27.39 -38.88 -15.60
CA SER F 69 26.01 -39.22 -15.34
C SER F 69 25.89 -40.74 -15.23
N ALA F 70 24.71 -41.19 -14.80
CA ALA F 70 24.42 -42.61 -14.71
C ALA F 70 24.54 -43.34 -16.05
N VAL F 71 24.51 -42.64 -17.18
CA VAL F 71 24.66 -43.29 -18.50
C VAL F 71 26.04 -43.99 -18.61
N GLY F 72 27.10 -43.34 -18.11
CA GLY F 72 28.43 -44.00 -17.96
C GLY F 72 29.33 -44.07 -19.19
N ASN F 73 28.96 -43.37 -20.26
CA ASN F 73 29.73 -43.32 -21.51
C ASN F 73 30.55 -42.01 -21.64
N ALA F 74 31.30 -41.90 -22.73
CA ALA F 74 32.13 -40.73 -23.03
C ALA F 74 31.34 -39.44 -22.92
N GLU F 75 30.20 -39.42 -23.61
CA GLU F 75 29.38 -38.23 -23.73
C GLU F 75 28.76 -37.81 -22.41
N SER F 76 28.80 -38.65 -21.41
CA SER F 76 28.16 -38.38 -20.12
CA SER F 76 28.18 -38.42 -20.10
C SER F 76 29.11 -37.77 -19.09
N ARG F 77 30.36 -37.53 -19.46
CA ARG F 77 31.41 -37.11 -18.52
C ARG F 77 31.77 -35.65 -18.74
N TYR F 78 31.89 -34.92 -17.63
CA TYR F 78 32.11 -33.49 -17.65
C TYR F 78 33.18 -33.11 -16.65
N VAL F 79 33.92 -32.03 -16.95
CA VAL F 79 34.92 -31.49 -16.06
C VAL F 79 34.24 -30.83 -14.86
N LEU F 80 34.85 -30.93 -13.68
CA LEU F 80 34.48 -30.12 -12.53
C LEU F 80 35.66 -29.47 -11.91
N THR F 81 35.43 -28.32 -11.29
CA THR F 81 36.43 -27.71 -10.43
CA THR F 81 36.43 -27.72 -10.41
C THR F 81 35.73 -27.12 -9.21
N GLY F 82 36.41 -27.03 -8.11
CA GLY F 82 35.88 -26.44 -6.89
C GLY F 82 36.94 -26.23 -5.82
N ARG F 83 36.51 -26.11 -4.59
CA ARG F 83 37.34 -25.79 -3.43
C ARG F 83 36.83 -26.53 -2.22
N TYR F 84 37.76 -26.83 -1.30
CA TYR F 84 37.38 -27.41 -0.02
C TYR F 84 38.24 -26.81 1.07
N ASP F 85 37.80 -26.93 2.33
CA ASP F 85 38.54 -26.42 3.49
C ASP F 85 39.66 -27.48 3.79
N SER F 86 40.90 -27.10 3.48
CA SER F 86 42.04 -28.02 3.68
C SER F 86 42.53 -28.05 5.10
N ALA F 87 41.90 -27.35 6.04
CA ALA F 87 42.21 -27.45 7.46
C ALA F 87 40.98 -27.39 8.33
N PRO F 88 40.14 -28.43 8.30
CA PRO F 88 38.85 -28.38 9.00
C PRO F 88 38.98 -28.34 10.52
N ALA F 89 37.87 -28.02 11.19
CA ALA F 89 37.79 -28.03 12.66
C ALA F 89 38.04 -29.47 13.20
N THR F 90 38.51 -29.55 14.45
CA THR F 90 38.73 -30.82 15.17
C THR F 90 37.67 -31.25 16.19
N ASP F 91 36.50 -30.62 16.16
CA ASP F 91 35.44 -30.84 17.13
C ASP F 91 34.39 -31.86 16.66
N GLY F 92 34.71 -32.61 15.60
CA GLY F 92 33.75 -33.54 14.97
C GLY F 92 33.00 -32.97 13.79
N SER F 93 33.25 -31.70 13.44
CA SER F 93 32.59 -31.09 12.29
C SER F 93 33.04 -31.69 10.96
N GLY F 94 32.15 -31.66 9.97
CA GLY F 94 32.54 -31.99 8.61
C GLY F 94 33.41 -30.99 7.94
N THR F 95 33.81 -31.29 6.72
CA THR F 95 34.75 -30.49 5.91
C THR F 95 33.93 -29.80 4.81
N ALA F 96 33.86 -28.48 4.86
CA ALA F 96 33.05 -27.75 3.88
C ALA F 96 33.69 -27.78 2.51
N LEU F 97 32.87 -27.82 1.46
CA LEU F 97 33.38 -27.87 0.09
C LEU F 97 32.30 -27.43 -0.91
N GLY F 98 32.73 -27.21 -2.14
CA GLY F 98 31.79 -26.95 -3.23
C GLY F 98 32.44 -27.17 -4.55
N TRP F 99 31.66 -27.49 -5.57
CA TRP F 99 32.19 -27.58 -6.92
C TRP F 99 31.15 -27.21 -7.99
N THR F 100 31.65 -26.99 -9.19
CA THR F 100 30.85 -26.64 -10.32
C THR F 100 31.08 -27.55 -11.50
N VAL F 101 30.03 -27.93 -12.20
CA VAL F 101 30.09 -28.50 -13.55
C VAL F 101 29.33 -27.56 -14.50
N ALA F 102 29.99 -27.15 -15.58
CA ALA F 102 29.28 -26.57 -16.74
C ALA F 102 29.01 -27.72 -17.68
N TRP F 103 27.77 -27.84 -18.11
CA TRP F 103 27.29 -29.01 -18.83
C TRP F 103 27.60 -28.95 -20.33
N LYS F 104 28.87 -28.69 -20.61
CA LYS F 104 29.44 -28.71 -21.97
C LYS F 104 30.64 -29.66 -21.91
N ASN F 105 30.71 -30.57 -22.85
CA ASN F 105 31.92 -31.40 -23.03
C ASN F 105 32.17 -31.45 -24.52
N ASN F 106 33.03 -32.36 -24.99
CA ASN F 106 33.34 -32.41 -26.42
C ASN F 106 32.25 -33.00 -27.29
N TYR F 107 31.14 -33.45 -26.68
CA TYR F 107 30.03 -34.12 -27.36
C TYR F 107 28.72 -33.35 -27.36
N ARG F 108 28.47 -32.60 -26.28
CA ARG F 108 27.14 -32.04 -26.02
C ARG F 108 27.29 -30.75 -25.22
N ASN F 109 26.26 -29.93 -25.31
CA ASN F 109 26.18 -28.69 -24.54
C ASN F 109 24.75 -28.40 -24.13
N ALA F 110 24.49 -28.45 -22.83
CA ALA F 110 23.18 -28.22 -22.27
C ALA F 110 23.02 -26.75 -21.77
N HIS F 111 23.98 -25.89 -22.08
CA HIS F 111 23.84 -24.45 -21.75
C HIS F 111 23.36 -24.19 -20.34
N SER F 112 24.13 -24.78 -19.41
CA SER F 112 23.75 -24.78 -18.01
C SER F 112 24.95 -25.14 -17.16
N ALA F 113 24.83 -24.90 -15.87
CA ALA F 113 25.90 -25.21 -14.93
C ALA F 113 25.28 -25.53 -13.58
N THR F 114 25.82 -26.52 -12.89
CA THR F 114 25.39 -26.88 -11.54
C THR F 114 26.50 -26.62 -10.55
N THR F 115 26.14 -26.08 -9.40
CA THR F 115 27.01 -26.01 -8.25
C THR F 115 26.45 -26.87 -7.15
N TRP F 116 27.36 -27.68 -6.55
CA TRP F 116 27.09 -28.43 -5.33
C TRP F 116 27.79 -27.77 -4.17
N SER F 117 27.06 -27.56 -3.05
CA SER F 117 27.60 -26.98 -1.84
C SER F 117 27.31 -27.98 -0.74
N GLY F 118 28.36 -28.30 0.06
CA GLY F 118 28.08 -29.27 1.10
C GLY F 118 29.27 -29.49 2.02
N GLN F 119 29.24 -30.68 2.65
CA GLN F 119 30.34 -31.04 3.53
C GLN F 119 30.58 -32.54 3.43
N TYR F 120 31.86 -32.87 3.57
CA TYR F 120 32.35 -34.26 3.69
C TYR F 120 32.27 -34.62 5.16
N VAL F 121 31.75 -35.81 5.43
CA VAL F 121 31.67 -36.38 6.75
C VAL F 121 32.41 -37.74 6.68
N GLY F 122 33.54 -37.84 7.37
CA GLY F 122 34.34 -39.07 7.33
C GLY F 122 33.83 -40.20 8.18
N GLY F 123 34.52 -41.33 8.08
CA GLY F 123 34.33 -42.52 8.93
C GLY F 123 33.89 -43.72 8.08
N ALA F 124 33.47 -44.79 8.76
CA ALA F 124 33.10 -46.01 8.07
C ALA F 124 31.94 -45.87 7.13
N GLU F 125 31.05 -44.91 7.41
CA GLU F 125 29.91 -44.60 6.54
C GLU F 125 30.07 -43.16 6.05
N ALA F 126 31.19 -42.93 5.39
CA ALA F 126 31.58 -41.62 4.89
C ALA F 126 30.55 -41.15 3.87
N ARG F 127 30.35 -39.84 3.85
CA ARG F 127 29.36 -39.20 3.00
C ARG F 127 29.89 -37.84 2.53
N ILE F 128 29.42 -37.43 1.37
CA ILE F 128 29.46 -35.99 1.04
C ILE F 128 27.98 -35.56 0.89
N ASN F 129 27.51 -34.74 1.83
CA ASN F 129 26.11 -34.30 1.86
C ASN F 129 26.03 -32.93 1.20
N THR F 130 25.19 -32.81 0.15
CA THR F 130 25.17 -31.60 -0.65
C THR F 130 23.76 -31.13 -0.97
N GLN F 131 23.72 -29.81 -1.30
CA GLN F 131 22.58 -29.20 -1.95
C GLN F 131 23.11 -28.60 -3.23
N TRP F 132 22.30 -28.60 -4.31
CA TRP F 132 22.78 -28.10 -5.55
C TRP F 132 21.82 -27.05 -6.15
N LEU F 133 22.42 -26.23 -7.01
CA LEU F 133 21.71 -25.20 -7.84
C LEU F 133 22.11 -25.39 -9.26
N LEU F 134 21.12 -25.59 -10.15
CA LEU F 134 21.33 -25.79 -11.56
C LEU F 134 20.77 -24.59 -12.31
N THR F 135 21.64 -23.78 -12.89
CA THR F 135 21.22 -22.57 -13.63
C THR F 135 21.42 -22.84 -15.10
N SER F 136 20.36 -22.60 -15.87
CA SER F 136 20.40 -22.69 -17.31
CA SER F 136 20.43 -22.68 -17.32
C SER F 136 20.44 -21.27 -17.90
N GLY F 137 21.16 -21.10 -19.01
CA GLY F 137 21.13 -19.82 -19.71
C GLY F 137 19.73 -19.57 -20.26
N THR F 138 19.17 -18.40 -19.99
CA THR F 138 17.82 -18.06 -20.44
C THR F 138 17.81 -16.63 -20.97
N THR F 139 16.76 -16.26 -21.68
CA THR F 139 16.49 -14.86 -21.91
C THR F 139 16.08 -14.20 -20.59
N GLU F 140 16.06 -12.86 -20.56
CA GLU F 140 15.67 -12.17 -19.34
C GLU F 140 14.21 -12.51 -19.01
N ALA F 141 13.35 -12.58 -20.03
CA ALA F 141 11.95 -12.86 -19.82
C ALA F 141 11.70 -14.26 -19.26
N ASN F 142 12.61 -15.20 -19.57
CA ASN F 142 12.49 -16.54 -19.06
C ASN F 142 13.36 -16.80 -17.83
N ALA F 143 13.92 -15.78 -17.20
CA ALA F 143 14.86 -15.99 -16.10
C ALA F 143 14.19 -16.57 -14.86
N TRP F 144 12.86 -16.45 -14.75
CA TRP F 144 12.12 -17.04 -13.68
C TRP F 144 12.37 -18.55 -13.59
N LYS F 145 12.61 -19.17 -14.73
CA LYS F 145 12.77 -20.63 -14.75
C LYS F 145 14.25 -21.01 -14.90
N SER F 146 15.16 -20.09 -14.60
CA SER F 146 16.57 -20.34 -14.79
C SER F 146 17.21 -21.27 -13.78
N THR F 147 16.74 -21.31 -12.53
CA THR F 147 17.49 -21.99 -11.49
C THR F 147 16.67 -22.97 -10.73
N LEU F 148 17.08 -24.25 -10.87
CA LEU F 148 16.53 -25.39 -10.15
C LEU F 148 17.36 -25.66 -8.91
N VAL F 149 16.70 -26.23 -7.90
CA VAL F 149 17.37 -26.60 -6.66
C VAL F 149 17.07 -28.06 -6.35
N GLY F 150 18.04 -28.71 -5.69
CA GLY F 150 17.86 -30.09 -5.23
C GLY F 150 18.97 -30.43 -4.29
N HIS F 151 19.09 -31.75 -4.08
CA HIS F 151 20.11 -32.27 -3.14
C HIS F 151 20.66 -33.60 -3.61
N ASP F 152 21.89 -33.87 -3.20
CA ASP F 152 22.57 -35.15 -3.49
CA ASP F 152 22.54 -35.17 -3.49
C ASP F 152 23.29 -35.62 -2.26
N THR F 153 23.27 -36.95 -2.06
CA THR F 153 24.11 -37.56 -1.03
C THR F 153 25.10 -38.50 -1.75
N PHE F 154 26.37 -38.24 -1.55
CA PHE F 154 27.42 -39.08 -2.14
C PHE F 154 27.97 -40.07 -1.11
N THR F 155 28.09 -41.31 -1.58
CA THR F 155 28.65 -42.40 -0.73
C THR F 155 29.75 -43.07 -1.48
N LYS F 156 30.50 -43.94 -0.77
CA LYS F 156 31.64 -44.67 -1.37
C LYS F 156 31.26 -45.90 -2.14
N VAL F 157 30.03 -46.36 -1.99
CA VAL F 157 29.55 -47.51 -2.72
C VAL F 157 28.28 -47.17 -3.47
N LYS F 158 27.99 -47.86 -4.57
CA LYS F 158 26.80 -47.51 -5.40
C LYS F 158 25.49 -47.74 -4.69
N PRO F 159 24.43 -46.98 -5.07
CA PRO F 159 23.10 -47.21 -4.49
C PRO F 159 22.48 -48.55 -4.94
N GLU G 1 10.94 -37.57 -23.73
CA GLU G 1 11.14 -36.18 -23.21
C GLU G 1 12.58 -36.04 -22.71
N TRP G 2 13.14 -34.86 -22.91
CA TRP G 2 14.55 -34.62 -22.58
C TRP G 2 14.83 -34.61 -21.09
N VAL G 3 15.88 -35.35 -20.71
CA VAL G 3 16.39 -35.32 -19.33
C VAL G 3 17.76 -34.67 -19.35
N HIS G 4 17.93 -33.63 -18.51
CA HIS G 4 19.22 -32.95 -18.42
C HIS G 4 20.33 -33.94 -18.06
N PRO G 5 21.53 -33.71 -18.61
CA PRO G 5 22.63 -34.71 -18.38
C PRO G 5 22.96 -35.01 -16.95
N GLN G 6 22.72 -34.09 -16.01
CA GLN G 6 22.98 -34.38 -14.61
C GLN G 6 22.20 -35.60 -14.13
N PHE G 7 20.99 -35.81 -14.68
CA PHE G 7 20.02 -36.74 -14.16
C PHE G 7 19.80 -37.93 -15.06
N GLU G 8 20.35 -37.92 -16.26
CA GLU G 8 20.02 -38.93 -17.26
C GLU G 8 20.38 -40.32 -16.80
N GLN G 9 19.59 -41.28 -17.25
CA GLN G 9 19.67 -42.67 -16.86
C GLN G 9 19.87 -43.56 -18.08
N LYS G 10 20.40 -44.75 -17.85
CA LYS G 10 20.41 -45.80 -18.89
C LYS G 10 18.97 -46.16 -19.25
N ALA G 11 18.76 -46.56 -20.51
CA ALA G 11 17.42 -46.85 -21.04
C ALA G 11 16.94 -48.27 -20.70
N GLU H 38 1.44 -2.81 16.83
CA GLU H 38 0.92 -3.26 15.50
C GLU H 38 2.01 -4.00 14.75
N ALA H 39 1.64 -5.12 14.12
CA ALA H 39 2.63 -5.99 13.46
C ALA H 39 3.18 -5.39 12.16
N GLY H 40 2.44 -4.48 11.51
CA GLY H 40 2.96 -3.79 10.31
C GLY H 40 2.74 -4.52 8.97
N ILE H 41 2.23 -5.74 9.05
CA ILE H 41 2.19 -6.62 7.90
C ILE H 41 0.88 -6.48 7.09
N THR H 42 -0.25 -6.42 7.77
CA THR H 42 -1.54 -6.32 7.06
C THR H 42 -1.49 -5.13 6.12
N GLY H 43 -1.94 -5.38 4.90
CA GLY H 43 -2.02 -4.36 3.85
C GLY H 43 -1.64 -4.92 2.52
N THR H 44 -1.36 -4.02 1.61
CA THR H 44 -0.99 -4.36 0.24
C THR H 44 0.48 -4.12 0.05
N TRP H 45 1.13 -5.10 -0.62
CA TRP H 45 2.54 -5.05 -0.92
C TRP H 45 2.79 -5.40 -2.37
N TYR H 46 3.94 -4.98 -2.92
CA TYR H 46 4.26 -5.26 -4.32
CA TYR H 46 4.27 -5.20 -4.31
C TYR H 46 5.67 -5.77 -4.42
N ASN H 47 5.86 -6.80 -5.28
CA ASN H 47 7.23 -7.23 -5.51
C ASN H 47 7.86 -6.46 -6.64
N GLN H 48 9.09 -6.80 -6.97
CA GLN H 48 9.84 -6.08 -7.98
C GLN H 48 9.30 -6.26 -9.38
N LEU H 49 8.47 -7.27 -9.57
CA LEU H 49 7.83 -7.59 -10.86
C LEU H 49 6.42 -7.06 -11.00
N GLY H 50 5.95 -6.40 -9.95
CA GLY H 50 4.65 -5.77 -9.97
C GLY H 50 3.52 -6.70 -9.56
N SER H 51 3.84 -7.83 -8.95
CA SER H 51 2.74 -8.60 -8.36
CA SER H 51 2.79 -8.63 -8.28
C SER H 51 2.17 -7.82 -7.16
N THR H 52 0.95 -8.17 -6.76
CA THR H 52 0.27 -7.55 -5.66
C THR H 52 -0.10 -8.59 -4.61
N PHE H 53 0.46 -8.39 -3.42
CA PHE H 53 0.33 -9.32 -2.29
C PHE H 53 -0.59 -8.61 -1.29
N ILE H 54 -1.78 -9.12 -1.12
CA ILE H 54 -2.77 -8.48 -0.25
C ILE H 54 -2.93 -9.41 0.92
N VAL H 55 -2.44 -9.00 2.06
CA VAL H 55 -2.34 -9.90 3.20
C VAL H 55 -2.99 -9.34 4.46
N THR H 56 -3.53 -10.23 5.28
CA THR H 56 -4.02 -9.97 6.59
C THR H 56 -3.29 -10.80 7.60
N ALA H 57 -2.70 -10.15 8.60
CA ALA H 57 -1.99 -10.80 9.71
C ALA H 57 -2.88 -10.87 10.93
N GLY H 58 -3.40 -12.06 11.20
CA GLY H 58 -4.27 -12.31 12.35
C GLY H 58 -3.58 -12.32 13.69
N ALA H 59 -4.31 -12.07 14.78
CA ALA H 59 -3.67 -11.95 16.10
C ALA H 59 -2.97 -13.22 16.57
N ASP H 60 -3.43 -14.37 16.03
CA ASP H 60 -2.95 -15.70 16.35
C ASP H 60 -1.72 -16.18 15.57
N GLY H 61 -1.27 -15.42 14.58
CA GLY H 61 -0.19 -15.86 13.71
C GLY H 61 -0.61 -16.28 12.32
N ALA H 62 -1.88 -16.16 11.97
CA ALA H 62 -2.36 -16.58 10.65
C ALA H 62 -2.10 -15.46 9.62
N LEU H 63 -1.64 -15.87 8.44
CA LEU H 63 -1.63 -14.98 7.27
C LEU H 63 -2.68 -15.49 6.31
N THR H 64 -3.51 -14.56 5.82
CA THR H 64 -4.51 -14.91 4.83
C THR H 64 -4.48 -13.79 3.79
N GLY H 65 -5.04 -14.04 2.63
CA GLY H 65 -5.15 -13.04 1.64
C GLY H 65 -5.13 -13.57 0.22
N THR H 66 -4.72 -12.68 -0.71
CA THR H 66 -4.71 -12.98 -2.10
CA THR H 66 -4.75 -12.94 -2.12
C THR H 66 -3.41 -12.52 -2.71
N TYR H 67 -2.94 -13.29 -3.70
CA TYR H 67 -1.76 -12.97 -4.42
C TYR H 67 -2.16 -12.79 -5.86
N GLU H 68 -1.80 -11.67 -6.45
CA GLU H 68 -2.20 -11.35 -7.80
C GLU H 68 -0.97 -11.15 -8.66
N SER H 69 -0.95 -11.81 -9.81
CA SER H 69 0.11 -11.53 -10.78
C SER H 69 0.07 -10.09 -11.24
N ALA H 70 1.17 -9.68 -11.87
CA ALA H 70 1.27 -8.37 -12.38
C ALA H 70 0.18 -8.05 -13.43
N VAL H 71 -0.41 -9.07 -14.04
CA VAL H 71 -1.48 -8.86 -15.01
C VAL H 71 -2.69 -8.15 -14.38
N GLY H 72 -3.05 -8.56 -13.16
CA GLY H 72 -4.09 -7.88 -12.38
C GLY H 72 -5.52 -8.08 -12.79
N ASN H 73 -5.82 -9.12 -13.56
CA ASN H 73 -7.20 -9.44 -13.96
C ASN H 73 -7.80 -10.55 -13.02
N ALA H 74 -9.04 -10.97 -13.26
CA ALA H 74 -9.67 -12.04 -12.45
C ALA H 74 -8.83 -13.29 -12.43
N GLU H 75 -8.30 -13.65 -13.61
CA GLU H 75 -7.52 -14.86 -13.76
C GLU H 75 -6.22 -14.80 -13.02
N SER H 76 -5.80 -13.60 -12.59
CA SER H 76 -4.48 -13.41 -11.98
CA SER H 76 -4.49 -13.39 -11.98
C SER H 76 -4.43 -13.56 -10.48
N ARG H 77 -5.57 -13.84 -9.86
CA ARG H 77 -5.69 -13.76 -8.40
C ARG H 77 -5.81 -15.15 -7.79
N TYR H 78 -5.06 -15.39 -6.72
CA TYR H 78 -5.02 -16.68 -6.05
C TYR H 78 -5.09 -16.52 -4.55
N VAL H 79 -5.64 -17.52 -3.89
CA VAL H 79 -5.68 -17.57 -2.44
C VAL H 79 -4.26 -17.86 -1.92
N LEU H 80 -3.91 -17.20 -0.80
CA LEU H 80 -2.71 -17.57 -0.03
C LEU H 80 -3.07 -17.80 1.40
N THR H 81 -2.30 -18.67 2.05
CA THR H 81 -2.34 -18.83 3.52
CA THR H 81 -2.33 -18.80 3.53
C THR H 81 -0.93 -19.03 4.03
N GLY H 82 -0.69 -18.61 5.25
CA GLY H 82 0.67 -18.77 5.85
C GLY H 82 0.64 -18.43 7.30
N ARG H 83 1.82 -18.18 7.86
CA ARG H 83 2.01 -17.97 9.28
C ARG H 83 3.05 -16.89 9.46
N TYR H 84 2.95 -16.20 10.59
CA TYR H 84 4.00 -15.24 10.96
C TYR H 84 4.20 -15.29 12.49
N ASP H 85 5.34 -14.78 12.93
CA ASP H 85 5.62 -14.63 14.34
C ASP H 85 4.85 -13.45 14.90
N SER H 86 3.84 -13.74 15.71
CA SER H 86 2.95 -12.69 16.26
C SER H 86 3.52 -12.02 17.51
N ALA H 87 4.68 -12.46 18.00
CA ALA H 87 5.38 -11.81 19.10
C ALA H 87 6.89 -11.76 18.81
N PRO H 88 7.31 -10.95 17.82
CA PRO H 88 8.71 -10.88 17.43
C PRO H 88 9.61 -10.30 18.53
N ALA H 89 10.90 -10.48 18.35
CA ALA H 89 11.89 -9.86 19.23
C ALA H 89 11.74 -8.35 19.16
N THR H 90 12.17 -7.67 20.22
CA THR H 90 12.12 -6.21 20.34
C THR H 90 13.53 -5.59 20.29
N ASP H 91 14.46 -6.28 19.67
CA ASP H 91 15.87 -5.88 19.60
C ASP H 91 16.24 -5.27 18.24
N GLY H 92 15.22 -4.98 17.41
CA GLY H 92 15.43 -4.48 16.06
C GLY H 92 15.41 -5.56 14.98
N SER H 93 15.22 -6.82 15.37
CA SER H 93 15.12 -7.94 14.43
C SER H 93 13.80 -7.85 13.64
N GLY H 94 13.83 -8.39 12.43
CA GLY H 94 12.64 -8.54 11.63
C GLY H 94 11.66 -9.55 12.17
N THR H 95 10.50 -9.64 11.54
CA THR H 95 9.42 -10.55 11.92
C THR H 95 9.36 -11.69 10.90
N ALA H 96 9.67 -12.91 11.35
CA ALA H 96 9.66 -14.08 10.47
C ALA H 96 8.29 -14.45 9.98
N LEU H 97 8.19 -14.87 8.71
CA LEU H 97 6.92 -15.25 8.14
C LEU H 97 7.08 -16.16 6.93
N GLY H 98 5.98 -16.76 6.49
CA GLY H 98 5.97 -17.50 5.26
C GLY H 98 4.58 -17.70 4.75
N TRP H 99 4.44 -17.92 3.47
CA TRP H 99 3.11 -18.21 2.93
C TRP H 99 3.22 -19.06 1.67
N THR H 100 2.10 -19.65 1.29
CA THR H 100 1.97 -20.49 0.13
C THR H 100 0.86 -20.01 -0.80
N VAL H 101 1.10 -20.10 -2.08
CA VAL H 101 0.07 -20.00 -3.11
C VAL H 101 0.13 -21.31 -3.92
N ALA H 102 -1.01 -22.00 -4.00
CA ALA H 102 -1.19 -23.03 -5.02
C ALA H 102 -1.80 -22.38 -6.27
N TRP H 103 -1.22 -22.57 -7.42
CA TRP H 103 -1.51 -21.80 -8.62
C TRP H 103 -2.74 -22.33 -9.38
N LYS H 104 -3.80 -22.50 -8.60
CA LYS H 104 -5.12 -22.90 -9.10
C LYS H 104 -6.14 -21.87 -8.61
N ASN H 105 -6.96 -21.38 -9.53
CA ASN H 105 -8.13 -20.57 -9.19
C ASN H 105 -9.27 -21.06 -10.03
N ASN H 106 -10.36 -20.29 -10.09
CA ASN H 106 -11.52 -20.77 -10.80
C ASN H 106 -11.37 -20.78 -12.32
N TYR H 107 -10.31 -20.12 -12.82
CA TYR H 107 -10.04 -19.98 -14.24
C TYR H 107 -8.90 -20.78 -14.82
N ARG H 108 -7.89 -21.05 -13.99
CA ARG H 108 -6.59 -21.55 -14.43
C ARG H 108 -6.00 -22.48 -13.40
N ASN H 109 -5.16 -23.39 -13.88
CA ASN H 109 -4.44 -24.27 -12.97
C ASN H 109 -3.08 -24.62 -13.56
N ALA H 110 -2.04 -24.11 -12.92
CA ALA H 110 -0.66 -24.36 -13.36
C ALA H 110 -0.02 -25.55 -12.66
N HIS H 111 -0.81 -26.31 -11.91
CA HIS H 111 -0.30 -27.56 -11.26
C HIS H 111 1.03 -27.32 -10.56
N SER H 112 1.05 -26.35 -9.65
CA SER H 112 2.27 -25.94 -8.99
C SER H 112 1.93 -25.12 -7.77
N ALA H 113 2.89 -24.89 -6.91
CA ALA H 113 2.71 -24.10 -5.68
C ALA H 113 3.99 -23.44 -5.35
N THR H 114 3.95 -22.20 -4.88
CA THR H 114 5.10 -21.46 -4.40
C THR H 114 4.98 -21.18 -2.95
N THR H 115 6.12 -21.33 -2.26
CA THR H 115 6.25 -20.83 -0.92
C THR H 115 7.24 -19.71 -0.86
N TRP H 116 6.90 -18.64 -0.14
CA TRP H 116 7.80 -17.56 0.19
C TRP H 116 8.14 -17.62 1.68
N SER H 117 9.45 -17.59 1.98
CA SER H 117 9.96 -17.59 3.33
C SER H 117 10.75 -16.32 3.52
N GLY H 118 10.52 -15.58 4.61
CA GLY H 118 11.28 -14.34 4.75
C GLY H 118 11.00 -13.62 6.06
N GLN H 119 11.28 -12.32 6.05
CA GLN H 119 10.97 -11.53 7.22
C GLN H 119 10.54 -10.12 6.83
N TYR H 120 9.60 -9.62 7.60
CA TYR H 120 9.15 -8.22 7.52
C TYR H 120 10.13 -7.36 8.30
N VAL H 121 10.55 -6.27 7.67
CA VAL H 121 11.40 -5.26 8.27
C VAL H 121 10.64 -3.91 8.18
N GLY H 122 10.27 -3.35 9.32
CA GLY H 122 9.48 -2.12 9.36
C GLY H 122 10.30 -0.86 9.16
N GLY H 123 9.60 0.27 9.07
CA GLY H 123 10.17 1.64 9.00
C GLY H 123 9.72 2.37 7.75
N ALA H 124 10.34 3.50 7.46
CA ALA H 124 9.92 4.33 6.32
C ALA H 124 10.09 3.67 4.98
N GLU H 125 11.07 2.77 4.87
CA GLU H 125 11.23 1.93 3.67
C GLU H 125 10.96 0.49 4.10
N ALA H 126 9.72 0.25 4.56
CA ALA H 126 9.34 -1.10 5.01
C ALA H 126 9.45 -2.10 3.90
N ARG H 127 9.83 -3.33 4.25
CA ARG H 127 10.01 -4.36 3.26
CA ARG H 127 10.19 -4.39 3.31
C ARG H 127 9.69 -5.72 3.82
N ILE H 128 9.32 -6.59 2.92
CA ILE H 128 9.29 -8.01 3.25
C ILE H 128 10.31 -8.65 2.27
N ASN H 129 11.41 -9.14 2.86
CA ASN H 129 12.48 -9.75 2.09
C ASN H 129 12.32 -11.26 2.11
N THR H 130 12.26 -11.87 0.92
CA THR H 130 11.92 -13.27 0.82
C THR H 130 12.82 -14.06 -0.14
N GLN H 131 12.81 -15.36 0.12
CA GLN H 131 13.26 -16.35 -0.87
CA GLN H 131 13.29 -16.43 -0.78
C GLN H 131 12.08 -17.27 -1.14
N TRP H 132 11.95 -17.76 -2.36
CA TRP H 132 10.82 -18.60 -2.71
C TRP H 132 11.29 -19.91 -3.38
N LEU H 133 10.40 -20.88 -3.29
CA LEU H 133 10.53 -22.18 -3.93
C LEU H 133 9.22 -22.44 -4.69
N LEU H 134 9.33 -22.71 -5.98
CA LEU H 134 8.19 -22.98 -6.84
C LEU H 134 8.28 -24.46 -7.28
N THR H 135 7.39 -25.28 -6.73
CA THR H 135 7.38 -26.70 -7.08
C THR H 135 6.21 -26.96 -8.02
N SER H 136 6.51 -27.60 -9.15
CA SER H 136 5.48 -28.07 -10.09
CA SER H 136 5.50 -28.08 -10.09
C SER H 136 5.26 -29.58 -9.91
N GLY H 137 4.02 -30.03 -10.07
CA GLY H 137 3.73 -31.47 -10.10
C GLY H 137 4.42 -32.08 -11.32
N THR H 138 5.17 -33.15 -11.11
CA THR H 138 5.87 -33.82 -12.19
C THR H 138 5.73 -35.32 -12.02
N THR H 139 6.05 -36.03 -13.09
CA THR H 139 6.26 -37.45 -12.97
C THR H 139 7.57 -37.68 -12.23
N GLU H 140 7.81 -38.93 -11.82
CA GLU H 140 9.05 -39.24 -11.15
C GLU H 140 10.24 -38.99 -12.08
N ALA H 141 10.10 -39.30 -13.36
CA ALA H 141 11.19 -39.13 -14.32
C ALA H 141 11.55 -37.64 -14.51
N ASN H 142 10.58 -36.73 -14.32
CA ASN H 142 10.80 -35.31 -14.49
C ASN H 142 10.99 -34.58 -13.15
N ALA H 143 11.17 -35.28 -12.03
CA ALA H 143 11.27 -34.63 -10.74
C ALA H 143 12.50 -33.75 -10.62
N TRP H 144 13.56 -34.03 -11.38
CA TRP H 144 14.74 -33.21 -11.38
C TRP H 144 14.41 -31.75 -11.69
N LYS H 145 13.35 -31.51 -12.49
CA LYS H 145 12.99 -30.16 -12.86
C LYS H 145 11.78 -29.67 -12.08
N SER H 146 11.48 -30.27 -10.92
CA SER H 146 10.31 -29.90 -10.19
C SER H 146 10.36 -28.58 -9.45
N THR H 147 11.52 -28.16 -8.97
CA THR H 147 11.60 -27.07 -8.02
C THR H 147 12.55 -26.00 -8.44
N LEU H 148 11.96 -24.81 -8.71
CA LEU H 148 12.69 -23.59 -9.01
C LEU H 148 12.88 -22.77 -7.72
N VAL H 149 13.97 -22.00 -7.68
CA VAL H 149 14.25 -21.16 -6.56
C VAL H 149 14.52 -19.73 -7.04
N GLY H 150 14.17 -18.77 -6.19
CA GLY H 150 14.43 -17.36 -6.47
C GLY H 150 14.21 -16.52 -5.25
N HIS H 151 14.12 -15.20 -5.48
CA HIS H 151 13.98 -14.29 -4.37
C HIS H 151 13.11 -13.09 -4.78
N ASP H 152 12.34 -12.58 -3.83
CA ASP H 152 11.49 -11.40 -4.06
C ASP H 152 11.65 -10.44 -2.92
N THR H 153 11.59 -9.13 -3.26
CA THR H 153 11.55 -8.08 -2.25
C THR H 153 10.18 -7.35 -2.41
N PHE H 154 9.42 -7.36 -1.35
CA PHE H 154 8.13 -6.68 -1.33
C PHE H 154 8.28 -5.34 -0.66
N THR H 155 7.67 -4.30 -1.27
CA THR H 155 7.68 -2.92 -0.75
C THR H 155 6.27 -2.39 -0.79
N LYS H 156 6.08 -1.21 -0.19
CA LYS H 156 4.74 -0.63 -0.12
C LYS H 156 4.30 0.11 -1.39
N VAL H 157 5.22 0.37 -2.31
CA VAL H 157 4.88 1.10 -3.53
C VAL H 157 5.26 0.29 -4.76
N LYS H 158 4.51 0.41 -5.85
CA LYS H 158 4.82 -0.38 -7.06
C LYS H 158 6.17 0.00 -7.63
N PRO H 159 6.84 -0.91 -8.34
CA PRO H 159 8.08 -0.53 -9.05
C PRO H 159 7.79 0.43 -10.23
N GLU I 1 -5.61 36.18 20.91
CA GLU I 1 -6.11 34.86 20.41
C GLU I 1 -5.25 34.45 19.23
N TRP I 2 -4.71 33.23 19.30
CA TRP I 2 -3.72 32.77 18.31
C TRP I 2 -4.34 32.76 16.94
N VAL I 3 -3.60 33.26 15.96
CA VAL I 3 -4.01 33.23 14.57
C VAL I 3 -3.12 32.25 13.79
N HIS I 4 -3.77 31.31 13.10
CA HIS I 4 -3.06 30.31 12.30
C HIS I 4 -2.25 30.99 11.20
N PRO I 5 -1.06 30.42 10.84
CA PRO I 5 -0.18 31.09 9.89
C PRO I 5 -0.83 31.49 8.57
N GLN I 6 -1.83 30.75 8.10
CA GLN I 6 -2.49 31.09 6.87
C GLN I 6 -3.04 32.51 6.86
N PHE I 7 -3.47 32.95 8.03
CA PHE I 7 -4.26 34.17 8.15
C PHE I 7 -3.54 35.32 8.85
N GLU I 8 -2.33 35.07 9.32
CA GLU I 8 -1.63 36.03 10.15
C GLU I 8 -1.34 37.30 9.35
N GLN I 9 -1.38 38.43 10.04
CA GLN I 9 -1.20 39.74 9.44
C GLN I 9 -0.02 40.47 10.04
N LYS I 10 0.48 41.48 9.31
CA LYS I 10 1.50 42.40 9.82
C LYS I 10 0.94 43.06 11.08
N ALA I 11 1.79 43.16 12.11
CA ALA I 11 1.36 43.55 13.45
C ALA I 11 1.61 45.03 13.69
N GLU J 1 8.03 -18.06 -25.18
CA GLU J 1 7.68 -19.21 -24.29
C GLU J 1 6.63 -18.80 -23.24
N TRP J 2 5.87 -19.78 -22.78
CA TRP J 2 4.91 -19.60 -21.69
C TRP J 2 5.58 -19.06 -20.44
N VAL J 3 4.91 -18.09 -19.81
CA VAL J 3 5.39 -17.56 -18.51
C VAL J 3 4.40 -17.99 -17.42
N HIS J 4 4.93 -18.63 -16.38
CA HIS J 4 4.15 -19.09 -15.24
C HIS J 4 3.43 -17.90 -14.58
N PRO J 5 2.21 -18.11 -14.06
CA PRO J 5 1.42 -17.00 -13.50
C PRO J 5 2.10 -16.18 -12.43
N GLN J 6 3.03 -16.77 -11.68
CA GLN J 6 3.74 -15.99 -10.68
C GLN J 6 4.45 -14.77 -11.28
N PHE J 7 4.93 -14.92 -12.49
CA PHE J 7 5.85 -13.98 -13.10
C PHE J 7 5.24 -13.18 -14.27
N GLU J 8 4.06 -13.59 -14.72
CA GLU J 8 3.45 -13.07 -15.94
C GLU J 8 3.26 -11.56 -15.85
N GLN J 9 3.47 -10.91 -16.97
CA GLN J 9 3.42 -9.45 -17.09
C GLN J 9 2.23 -8.99 -17.90
N LYS J 10 1.85 -7.73 -17.72
CA LYS J 10 0.79 -7.10 -18.50
C LYS J 10 1.16 -7.18 -19.99
N ALA J 11 0.13 -7.30 -20.81
CA ALA J 11 0.24 -7.28 -22.27
C ALA J 11 0.37 -5.86 -22.83
N GLU K 38 -33.58 44.58 18.29
CA GLU K 38 -32.18 44.82 18.82
C GLU K 38 -31.13 43.97 18.08
N ALA K 39 -31.57 42.84 17.57
CA ALA K 39 -30.68 41.91 16.87
C ALA K 39 -30.02 42.47 15.60
N GLY K 40 -30.68 43.41 14.93
CA GLY K 40 -30.20 44.01 13.70
C GLY K 40 -30.46 43.22 12.41
N ILE K 41 -31.11 42.07 12.55
CA ILE K 41 -31.25 41.12 11.45
C ILE K 41 -32.55 41.30 10.65
N THR K 42 -33.66 41.64 11.33
CA THR K 42 -34.90 41.83 10.60
C THR K 42 -34.68 42.87 9.50
N GLY K 43 -35.21 42.55 8.33
CA GLY K 43 -35.19 43.47 7.20
C GLY K 43 -34.78 42.82 5.91
N THR K 44 -34.29 43.63 4.97
CA THR K 44 -34.01 43.24 3.62
C THR K 44 -32.53 43.22 3.41
N TRP K 45 -32.07 42.08 2.87
CA TRP K 45 -30.66 41.79 2.66
C TRP K 45 -30.43 41.46 1.20
N TYR K 46 -29.26 41.90 0.69
CA TYR K 46 -28.93 41.75 -0.72
CA TYR K 46 -28.90 41.79 -0.72
C TYR K 46 -27.55 41.09 -0.83
N ASN K 47 -27.45 40.12 -1.73
CA ASN K 47 -26.12 39.50 -1.93
C ASN K 47 -25.45 40.20 -3.08
N GLN K 48 -24.25 39.75 -3.45
CA GLN K 48 -23.50 40.53 -4.41
C GLN K 48 -23.85 40.23 -5.88
N LEU K 49 -24.86 39.39 -6.15
CA LEU K 49 -25.25 38.95 -7.50
C LEU K 49 -26.73 39.18 -7.82
N GLY K 50 -27.45 39.96 -7.01
CA GLY K 50 -28.78 40.40 -7.35
C GLY K 50 -29.94 39.76 -6.60
N SER K 51 -29.67 38.82 -5.69
CA SER K 51 -30.74 38.22 -4.92
CA SER K 51 -30.71 38.19 -4.88
C SER K 51 -31.07 39.07 -3.71
N THR K 52 -32.30 38.89 -3.22
CA THR K 52 -32.84 39.69 -2.11
C THR K 52 -33.55 38.77 -1.18
N PHE K 53 -33.32 38.89 0.11
CA PHE K 53 -34.16 38.17 1.05
C PHE K 53 -34.71 39.17 2.07
N ILE K 54 -35.90 38.88 2.55
CA ILE K 54 -36.57 39.70 3.56
C ILE K 54 -36.91 38.76 4.70
N VAL K 55 -36.36 39.07 5.88
CA VAL K 55 -36.50 38.19 7.02
C VAL K 55 -36.99 38.91 8.24
N THR K 56 -37.68 38.16 9.07
CA THR K 56 -37.96 38.56 10.44
C THR K 56 -37.20 37.65 11.40
N ALA K 57 -36.50 38.27 12.34
CA ALA K 57 -35.78 37.62 13.40
C ALA K 57 -36.65 37.64 14.64
N GLY K 58 -37.25 36.52 15.00
CA GLY K 58 -38.18 36.44 16.11
C GLY K 58 -37.46 36.48 17.42
N ALA K 59 -38.18 36.86 18.47
CA ALA K 59 -37.62 36.94 19.80
C ALA K 59 -37.10 35.58 20.30
N ASP K 60 -37.72 34.50 19.80
CA ASP K 60 -37.39 33.12 20.16
C ASP K 60 -36.19 32.47 19.42
N GLY K 61 -35.54 33.18 18.51
CA GLY K 61 -34.51 32.60 17.66
C GLY K 61 -34.93 32.21 16.28
N ALA K 62 -36.19 32.46 15.89
CA ALA K 62 -36.64 32.09 14.57
C ALA K 62 -36.17 33.08 13.52
N LEU K 63 -35.83 32.57 12.35
CA LEU K 63 -35.73 33.35 11.15
C LEU K 63 -36.82 32.87 10.20
N THR K 64 -37.63 33.80 9.69
CA THR K 64 -38.70 33.48 8.77
C THR K 64 -38.77 34.53 7.69
N GLY K 65 -38.96 34.13 6.45
CA GLY K 65 -39.06 35.15 5.39
C GLY K 65 -39.12 34.55 4.02
N THR K 66 -38.61 35.32 3.05
CA THR K 66 -38.65 34.96 1.65
CA THR K 66 -38.68 34.97 1.66
C THR K 66 -37.31 35.27 1.03
N TYR K 67 -36.91 34.47 0.07
CA TYR K 67 -35.69 34.64 -0.71
C TYR K 67 -36.11 34.79 -2.15
N GLU K 68 -35.63 35.83 -2.83
CA GLU K 68 -36.00 36.12 -4.20
C GLU K 68 -34.76 36.21 -5.04
N SER K 69 -34.76 35.49 -6.17
CA SER K 69 -33.60 35.54 -7.06
C SER K 69 -33.52 36.87 -7.77
N ALA K 70 -32.43 37.08 -8.51
CA ALA K 70 -32.26 38.31 -9.28
C ALA K 70 -33.35 38.54 -10.32
N VAL K 71 -34.05 37.50 -10.75
CA VAL K 71 -35.15 37.66 -11.73
C VAL K 71 -36.24 38.57 -11.15
N GLY K 72 -36.52 38.49 -9.84
CA GLY K 72 -37.41 39.44 -9.18
C GLY K 72 -38.92 39.30 -9.35
N ASN K 73 -39.38 38.20 -9.92
CA ASN K 73 -40.83 37.95 -10.13
C ASN K 73 -41.41 37.02 -9.03
N ALA K 74 -42.72 36.75 -9.08
CA ALA K 74 -43.38 35.83 -8.14
C ALA K 74 -42.79 34.42 -8.23
N GLU K 75 -42.59 33.94 -9.46
CA GLU K 75 -41.93 32.69 -9.79
C GLU K 75 -40.58 32.57 -9.16
N SER K 76 -39.97 33.70 -8.82
CA SER K 76 -38.58 33.68 -8.33
CA SER K 76 -38.58 33.75 -8.35
C SER K 76 -38.44 33.78 -6.82
N ARG K 77 -39.53 33.67 -6.08
CA ARG K 77 -39.55 33.87 -4.62
C ARG K 77 -39.84 32.55 -3.93
N TYR K 78 -39.08 32.30 -2.86
CA TYR K 78 -39.16 31.04 -2.13
C TYR K 78 -39.17 31.26 -0.64
N VAL K 79 -39.78 30.34 0.10
CA VAL K 79 -39.81 30.41 1.53
C VAL K 79 -38.41 30.21 2.10
N LEU K 80 -38.05 31.00 3.09
CA LEU K 80 -36.79 30.94 3.87
C LEU K 80 -37.13 30.69 5.33
N THR K 81 -36.43 29.70 5.92
CA THR K 81 -36.66 29.41 7.31
CA THR K 81 -36.65 29.42 7.35
C THR K 81 -35.32 29.06 7.98
N GLY K 82 -35.08 29.57 9.18
CA GLY K 82 -33.85 29.22 9.90
C GLY K 82 -33.90 29.63 11.35
N ARG K 83 -32.70 29.75 11.93
CA ARG K 83 -32.50 30.04 13.35
C ARG K 83 -31.32 30.96 13.51
N TYR K 84 -31.31 31.73 14.61
CA TYR K 84 -30.19 32.57 14.98
C TYR K 84 -30.03 32.59 16.47
N ASP K 85 -28.84 32.98 16.92
CA ASP K 85 -28.53 33.14 18.33
C ASP K 85 -29.18 34.45 18.81
N SER K 86 -30.25 34.33 19.59
CA SER K 86 -30.99 35.49 20.07
C SER K 86 -30.36 36.12 21.32
N ALA K 87 -29.23 35.59 21.81
CA ALA K 87 -28.50 36.22 22.91
C ALA K 87 -27.00 36.12 22.63
N PRO K 88 -26.49 36.82 21.60
CA PRO K 88 -25.09 36.74 21.23
C PRO K 88 -24.16 37.28 22.30
N ALA K 89 -22.88 36.94 22.15
CA ALA K 89 -21.87 37.47 23.04
C ALA K 89 -21.83 38.98 22.91
N THR K 90 -21.37 39.65 23.96
CA THR K 90 -21.29 41.10 23.99
C THR K 90 -19.84 41.59 23.92
N ASP K 91 -18.94 40.76 23.37
CA ASP K 91 -17.50 41.02 23.28
C ASP K 91 -17.02 41.50 21.90
N GLY K 92 -17.96 41.86 21.02
CA GLY K 92 -17.62 42.24 19.64
C GLY K 92 -17.80 41.10 18.63
N SER K 93 -18.11 39.90 19.10
CA SER K 93 -18.36 38.76 18.21
C SER K 93 -19.65 38.94 17.41
N GLY K 94 -19.65 38.38 16.22
CA GLY K 94 -20.86 38.28 15.42
C GLY K 94 -21.92 37.35 16.01
N THR K 95 -23.09 37.37 15.37
CA THR K 95 -24.26 36.63 15.78
C THR K 95 -24.43 35.46 14.82
N ALA K 96 -24.27 34.24 15.35
CA ALA K 96 -24.38 33.05 14.52
C ALA K 96 -25.81 32.80 14.06
N LEU K 97 -25.95 32.29 12.86
CA LEU K 97 -27.24 32.02 12.26
C LEU K 97 -27.11 31.01 11.11
N GLY K 98 -28.26 30.54 10.66
CA GLY K 98 -28.33 29.76 9.44
C GLY K 98 -29.76 29.71 8.93
N TRP K 99 -29.92 29.41 7.68
CA TRP K 99 -31.25 29.22 7.10
C TRP K 99 -31.22 28.31 5.90
N THR K 100 -32.41 27.82 5.52
CA THR K 100 -32.62 26.97 4.41
C THR K 100 -33.66 27.55 3.46
N VAL K 101 -33.41 27.37 2.18
CA VAL K 101 -34.45 27.52 1.15
C VAL K 101 -34.50 26.22 0.35
N ALA K 102 -35.67 25.61 0.28
CA ALA K 102 -35.91 24.56 -0.69
C ALA K 102 -36.43 25.19 -1.96
N TRP K 103 -35.91 24.82 -3.11
CA TRP K 103 -36.16 25.52 -4.37
C TRP K 103 -37.43 25.01 -5.07
N LYS K 104 -38.50 24.95 -4.29
CA LYS K 104 -39.84 24.69 -4.80
C LYS K 104 -40.72 25.87 -4.37
N ASN K 105 -41.47 26.40 -5.32
CA ASN K 105 -42.59 27.30 -4.99
C ASN K 105 -43.78 26.85 -5.81
N ASN K 106 -44.81 27.69 -5.96
CA ASN K 106 -46.01 27.28 -6.70
C ASN K 106 -45.81 27.24 -8.21
N TYR K 107 -44.69 27.74 -8.68
CA TYR K 107 -44.39 27.94 -10.10
C TYR K 107 -43.31 27.04 -10.63
N ARG K 108 -42.39 26.56 -9.77
CA ARG K 108 -41.17 25.90 -10.23
C ARG K 108 -40.68 24.96 -9.14
N ASN K 109 -39.93 23.95 -9.56
CA ASN K 109 -39.25 23.06 -8.60
C ASN K 109 -37.94 22.56 -9.18
N ALA K 110 -36.87 23.01 -8.55
CA ALA K 110 -35.50 22.62 -8.92
C ALA K 110 -34.98 21.41 -8.11
N HIS K 111 -35.84 20.75 -7.34
CA HIS K 111 -35.48 19.51 -6.61
C HIS K 111 -34.15 19.64 -5.88
N SER K 112 -34.08 20.65 -5.04
CA SER K 112 -32.83 21.00 -4.35
C SER K 112 -33.14 21.94 -3.22
N ALA K 113 -32.18 22.09 -2.34
CA ALA K 113 -32.27 22.97 -1.20
C ALA K 113 -30.93 23.49 -0.88
N THR K 114 -30.83 24.77 -0.48
CA THR K 114 -29.61 25.39 -0.04
C THR K 114 -29.69 25.76 1.41
N THR K 115 -28.61 25.50 2.14
CA THR K 115 -28.43 26.02 3.46
C THR K 115 -27.33 27.06 3.48
N TRP K 116 -27.55 28.16 4.18
CA TRP K 116 -26.53 29.18 4.42
C TRP K 116 -26.22 29.17 5.89
N SER K 117 -24.91 29.07 6.21
CA SER K 117 -24.40 29.09 7.57
C SER K 117 -23.49 30.31 7.70
N GLY K 118 -23.66 31.14 8.76
CA GLY K 118 -22.80 32.29 8.84
C GLY K 118 -23.04 33.05 10.11
N GLN K 119 -22.69 34.35 10.03
CA GLN K 119 -22.83 35.25 11.16
C GLN K 119 -23.16 36.67 10.66
N TYR K 120 -24.03 37.32 11.44
CA TYR K 120 -24.31 38.73 11.33
C TYR K 120 -23.27 39.53 12.06
N VAL K 121 -22.76 40.57 11.38
CA VAL K 121 -21.73 41.48 11.88
C VAL K 121 -22.34 42.89 11.83
N GLY K 122 -22.68 43.41 13.00
CA GLY K 122 -23.30 44.75 13.07
C GLY K 122 -22.31 45.88 12.89
N GLY K 123 -22.82 47.10 12.92
CA GLY K 123 -22.02 48.32 12.84
C GLY K 123 -22.47 49.16 11.68
N ALA K 124 -21.58 50.03 11.19
CA ALA K 124 -21.97 51.10 10.22
C ALA K 124 -22.48 50.55 8.88
N GLU K 125 -21.83 49.50 8.39
CA GLU K 125 -22.25 48.77 7.20
C GLU K 125 -22.39 47.31 7.65
N ALA K 126 -23.51 47.00 8.26
CA ALA K 126 -23.84 45.63 8.68
C ALA K 126 -23.80 44.63 7.53
N ARG K 127 -23.41 43.41 7.88
CA ARG K 127 -23.19 42.36 6.88
C ARG K 127 -23.62 41.04 7.47
N ILE K 128 -24.06 40.14 6.60
CA ILE K 128 -24.17 38.71 6.98
C ILE K 128 -23.22 37.97 6.07
N ASN K 129 -22.19 37.34 6.68
CA ASN K 129 -21.19 36.58 5.94
C ASN K 129 -21.52 35.10 6.03
N THR K 130 -21.62 34.45 4.88
CA THR K 130 -22.07 33.06 4.88
C THR K 130 -21.31 32.18 3.94
N GLN K 131 -21.37 30.87 4.25
CA GLN K 131 -21.06 29.80 3.34
C GLN K 131 -22.28 28.97 3.11
N TRP K 132 -22.46 28.45 1.91
CA TRP K 132 -23.63 27.69 1.59
C TRP K 132 -23.31 26.28 1.01
N LEU K 133 -24.32 25.42 1.16
CA LEU K 133 -24.34 24.06 0.57
C LEU K 133 -25.68 23.89 -0.14
N LEU K 134 -25.57 23.56 -1.41
CA LEU K 134 -26.74 23.35 -2.29
C LEU K 134 -26.77 21.86 -2.64
N THR K 135 -27.72 21.17 -2.06
CA THR K 135 -27.91 19.74 -2.36
C THR K 135 -29.08 19.56 -3.27
N SER K 136 -28.83 18.82 -4.38
CA SER K 136 -29.90 18.43 -5.31
CA SER K 136 -29.91 18.45 -5.30
C SER K 136 -30.25 16.98 -5.08
N GLY K 137 -31.53 16.64 -5.23
CA GLY K 137 -31.89 15.26 -5.20
C GLY K 137 -31.28 14.52 -6.37
N THR K 138 -30.63 13.38 -6.06
CA THR K 138 -29.96 12.58 -7.07
C THR K 138 -30.25 11.08 -6.84
N THR K 139 -30.01 10.27 -7.85
CA THR K 139 -29.95 8.85 -7.66
C THR K 139 -28.67 8.54 -6.88
N GLU K 140 -28.55 7.30 -6.38
CA GLU K 140 -27.34 6.92 -5.69
C GLU K 140 -26.14 7.00 -6.60
N ALA K 141 -26.30 6.61 -7.86
CA ALA K 141 -25.22 6.65 -8.84
C ALA K 141 -24.71 8.07 -9.12
N ASN K 142 -25.59 9.08 -8.98
CA ASN K 142 -25.24 10.47 -9.24
C ASN K 142 -25.00 11.24 -7.96
N ALA K 143 -24.88 10.55 -6.80
CA ALA K 143 -24.71 11.27 -5.53
C ALA K 143 -23.45 12.06 -5.44
N TRP K 144 -22.43 11.64 -6.19
CA TRP K 144 -21.16 12.37 -6.24
C TRP K 144 -21.35 13.84 -6.63
N LYS K 145 -22.36 14.09 -7.47
CA LYS K 145 -22.62 15.46 -7.95
C LYS K 145 -23.77 16.10 -7.21
N SER K 146 -24.10 15.61 -6.03
CA SER K 146 -25.25 16.13 -5.31
C SER K 146 -25.07 17.46 -4.62
N THR K 147 -23.88 17.79 -4.14
CA THR K 147 -23.72 18.94 -3.23
C THR K 147 -22.67 19.88 -3.69
N LEU K 148 -23.13 21.09 -4.07
CA LEU K 148 -22.29 22.23 -4.40
C LEU K 148 -22.02 23.08 -3.17
N VAL K 149 -20.90 23.77 -3.17
CA VAL K 149 -20.53 24.63 -2.09
C VAL K 149 -20.16 26.00 -2.66
N GLY K 150 -20.43 27.04 -1.85
CA GLY K 150 -20.05 28.39 -2.24
C GLY K 150 -20.22 29.31 -1.05
N HIS K 151 -20.31 30.61 -1.35
CA HIS K 151 -20.35 31.63 -0.29
C HIS K 151 -21.17 32.82 -0.78
N ASP K 152 -21.63 33.59 0.20
CA ASP K 152 -22.39 34.81 -0.07
CA ASP K 152 -22.37 34.82 -0.09
C ASP K 152 -22.11 35.80 1.01
N THR K 153 -22.09 37.07 0.64
CA THR K 153 -22.04 38.19 1.60
CA THR K 153 -22.08 38.15 1.64
C THR K 153 -23.26 39.05 1.36
N PHE K 154 -24.04 39.27 2.39
CA PHE K 154 -25.27 40.08 2.29
C PHE K 154 -25.06 41.39 3.03
N THR K 155 -25.66 42.46 2.44
CA THR K 155 -25.67 43.81 3.01
CA THR K 155 -25.65 43.83 2.96
C THR K 155 -27.09 44.38 2.96
N LYS K 156 -27.32 45.44 3.71
CA LYS K 156 -28.63 46.11 3.75
C LYS K 156 -28.82 47.07 2.58
N VAL K 157 -27.83 47.21 1.71
CA VAL K 157 -27.79 48.12 0.54
C VAL K 157 -27.38 47.27 -0.68
N LYS K 158 -28.00 47.43 -1.83
CA LYS K 158 -27.70 46.68 -3.04
C LYS K 158 -26.28 46.88 -3.51
N PRO K 159 -25.68 45.84 -4.15
CA PRO K 159 -24.41 46.06 -4.85
C PRO K 159 -24.61 46.86 -6.16
N GLU L 1 -28.02 27.41 -21.54
CA GLU L 1 -27.73 26.41 -20.47
C GLU L 1 -28.43 26.79 -19.16
N TRP L 2 -29.06 25.82 -18.51
CA TRP L 2 -29.90 26.08 -17.34
C TRP L 2 -29.05 26.58 -16.20
N VAL L 3 -29.53 27.65 -15.56
CA VAL L 3 -28.92 28.18 -14.34
C VAL L 3 -29.92 27.98 -13.22
N HIS L 4 -29.43 27.42 -12.12
CA HIS L 4 -30.26 27.17 -10.95
C HIS L 4 -30.87 28.48 -10.41
N PRO L 5 -32.07 28.41 -9.83
CA PRO L 5 -32.75 29.63 -9.38
C PRO L 5 -32.01 30.48 -8.36
N GLN L 6 -31.17 29.86 -7.51
CA GLN L 6 -30.37 30.61 -6.62
C GLN L 6 -29.56 31.71 -7.36
N PHE L 7 -29.13 31.43 -8.59
CA PHE L 7 -28.10 32.26 -9.29
C PHE L 7 -28.63 32.95 -10.54
N GLU L 8 -29.84 32.58 -10.94
CA GLU L 8 -30.43 33.03 -12.21
C GLU L 8 -30.49 34.56 -12.26
N GLN L 9 -30.25 35.11 -13.45
CA GLN L 9 -30.25 36.55 -13.71
C GLN L 9 -31.40 36.85 -14.66
N LYS L 10 -31.76 38.11 -14.72
CA LYS L 10 -32.77 38.55 -15.70
C LYS L 10 -32.26 38.29 -17.12
N ALA L 11 -33.14 38.00 -18.07
CA ALA L 11 -32.75 37.81 -19.49
C ALA L 11 -32.33 39.10 -20.20
N GLU M 38 -9.79 -38.92 -4.87
CA GLU M 38 -9.23 -38.85 -3.48
C GLU M 38 -7.82 -38.24 -3.53
N ALA M 39 -7.63 -37.15 -2.83
CA ALA M 39 -6.34 -36.42 -2.88
C ALA M 39 -5.17 -37.17 -2.25
N GLY M 40 -5.44 -38.01 -1.24
CA GLY M 40 -4.40 -38.86 -0.62
C GLY M 40 -3.56 -38.17 0.43
N ILE M 41 -3.83 -36.87 0.67
CA ILE M 41 -2.94 -36.06 1.49
C ILE M 41 -3.37 -36.02 2.96
N THR M 42 -4.67 -35.98 3.24
CA THR M 42 -5.13 -35.96 4.61
C THR M 42 -4.54 -37.11 5.41
N GLY M 43 -4.02 -36.81 6.59
CA GLY M 43 -3.49 -37.84 7.48
C GLY M 43 -2.17 -37.43 8.08
N THR M 44 -1.42 -38.48 8.52
CA THR M 44 -0.18 -38.30 9.29
C THR M 44 1.00 -38.63 8.44
N TRP M 45 1.98 -37.73 8.48
CA TRP M 45 3.18 -37.85 7.67
C TRP M 45 4.40 -37.72 8.57
N TYR M 46 5.43 -38.50 8.28
CA TYR M 46 6.63 -38.62 9.11
CA TYR M 46 6.63 -38.62 9.11
C TYR M 46 7.84 -38.31 8.26
N ASN M 47 8.76 -37.47 8.75
CA ASN M 47 9.99 -37.20 8.02
C ASN M 47 11.05 -38.19 8.50
N GLN M 48 12.23 -38.12 7.93
CA GLN M 48 13.29 -39.05 8.30
C GLN M 48 13.89 -38.83 9.70
N LEU M 49 13.66 -37.67 10.30
CA LEU M 49 14.27 -37.23 11.58
C LEU M 49 13.42 -37.42 12.80
N GLY M 50 12.22 -37.97 12.65
CA GLY M 50 11.35 -38.15 13.80
C GLY M 50 10.20 -37.18 13.96
N SER M 51 10.06 -36.19 13.05
CA SER M 51 8.96 -35.22 13.14
C SER M 51 7.74 -35.81 12.54
N THR M 52 6.58 -35.28 12.96
CA THR M 52 5.28 -35.80 12.54
C THR M 52 4.39 -34.64 12.26
N PHE M 53 3.69 -34.68 11.17
CA PHE M 53 2.63 -33.69 10.94
C PHE M 53 1.33 -34.39 10.63
N ILE M 54 0.22 -33.76 11.05
CA ILE M 54 -1.11 -34.28 10.82
C ILE M 54 -1.84 -33.17 10.10
N VAL M 55 -2.33 -33.46 8.90
CA VAL M 55 -2.93 -32.45 8.07
C VAL M 55 -4.29 -32.89 7.54
N THR M 56 -5.15 -31.89 7.31
CA THR M 56 -6.37 -32.08 6.56
C THR M 56 -6.23 -31.29 5.25
N ALA M 57 -6.47 -31.99 4.14
CA ALA M 57 -6.51 -31.39 2.82
C ALA M 57 -7.98 -31.11 2.50
N GLY M 58 -8.35 -29.82 2.54
CA GLY M 58 -9.74 -29.39 2.35
C GLY M 58 -10.09 -29.40 0.88
N ALA M 59 -11.39 -29.48 0.58
CA ALA M 59 -11.84 -29.55 -0.80
C ALA M 59 -11.51 -28.30 -1.61
N ASP M 60 -11.35 -27.18 -0.91
CA ASP M 60 -11.03 -25.89 -1.52
C ASP M 60 -9.50 -25.64 -1.77
N GLY M 61 -8.61 -26.60 -1.49
CA GLY M 61 -7.17 -26.39 -1.61
C GLY M 61 -6.45 -26.05 -0.32
N ALA M 62 -7.14 -26.06 0.80
CA ALA M 62 -6.57 -25.70 2.07
C ALA M 62 -5.78 -26.87 2.65
N LEU M 63 -4.59 -26.58 3.22
CA LEU M 63 -3.93 -27.52 4.14
C LEU M 63 -3.97 -26.89 5.52
N THR M 64 -4.44 -27.64 6.51
CA THR M 64 -4.48 -27.16 7.88
C THR M 64 -4.09 -28.32 8.81
N GLY M 65 -3.32 -28.03 9.83
CA GLY M 65 -2.93 -29.09 10.77
C GLY M 65 -1.90 -28.65 11.78
N THR M 66 -1.11 -29.64 12.22
CA THR M 66 -0.13 -29.46 13.27
CA THR M 66 -0.15 -29.45 13.28
C THR M 66 1.16 -30.15 12.89
N TYR M 67 2.28 -29.54 13.25
CA TYR M 67 3.61 -30.15 13.08
C TYR M 67 4.18 -30.37 14.46
N GLU M 68 4.69 -31.58 14.70
CA GLU M 68 5.27 -31.94 16.02
C GLU M 68 6.66 -32.41 15.84
N SER M 69 7.57 -31.81 16.59
CA SER M 69 8.96 -32.21 16.53
C SER M 69 9.13 -33.62 17.06
N ALA M 70 10.34 -34.16 16.87
CA ALA M 70 10.68 -35.45 17.38
C ALA M 70 10.54 -35.58 18.92
N VAL M 71 10.56 -34.47 19.67
CA VAL M 71 10.37 -34.57 21.14
C VAL M 71 8.97 -35.14 21.45
N GLY M 72 7.94 -34.64 20.79
CA GLY M 72 6.61 -35.25 20.88
C GLY M 72 5.82 -34.91 22.14
N ASN M 73 6.03 -33.71 22.69
CA ASN M 73 5.18 -33.19 23.78
C ASN M 73 4.40 -31.95 23.30
N ALA M 74 3.56 -31.37 24.16
CA ALA M 74 2.75 -30.19 23.77
C ALA M 74 3.62 -28.99 23.34
N GLU M 75 4.76 -28.84 23.99
CA GLU M 75 5.69 -27.74 23.71
C GLU M 75 6.32 -27.88 22.29
N SER M 76 6.26 -29.08 21.74
CA SER M 76 6.83 -29.37 20.44
C SER M 76 5.88 -29.24 19.25
N ARG M 77 4.64 -28.85 19.51
CA ARG M 77 3.58 -28.84 18.50
CA ARG M 77 3.59 -28.84 18.49
C ARG M 77 3.28 -27.41 18.05
N TYR M 78 3.17 -27.22 16.74
CA TYR M 78 2.95 -25.89 16.13
C TYR M 78 1.91 -25.98 15.04
N VAL M 79 1.23 -24.85 14.80
CA VAL M 79 0.23 -24.77 13.73
C VAL M 79 0.92 -24.84 12.37
N LEU M 80 0.32 -25.62 11.46
CA LEU M 80 0.75 -25.76 10.09
C LEU M 80 -0.41 -25.28 9.20
N THR M 81 -0.08 -24.45 8.21
CA THR M 81 -1.06 -23.88 7.30
CA THR M 81 -1.08 -23.92 7.25
C THR M 81 -0.47 -23.81 5.88
N GLY M 82 -1.21 -24.25 4.87
CA GLY M 82 -0.74 -24.10 3.51
C GLY M 82 -1.80 -24.40 2.49
N ARG M 83 -1.39 -24.70 1.28
CA ARG M 83 -2.27 -24.86 0.13
C ARG M 83 -1.77 -26.02 -0.73
N TYR M 84 -2.67 -26.64 -1.46
CA TYR M 84 -2.31 -27.69 -2.41
C TYR M 84 -3.18 -27.60 -3.64
N ASP M 85 -2.73 -28.18 -4.75
CA ASP M 85 -3.51 -28.25 -5.99
C ASP M 85 -4.61 -29.29 -5.82
N SER M 86 -5.86 -28.82 -5.72
CA SER M 86 -7.01 -29.70 -5.53
C SER M 86 -7.57 -30.32 -6.81
N ALA M 87 -6.98 -30.03 -7.96
CA ALA M 87 -7.36 -30.68 -9.20
C ALA M 87 -6.08 -30.97 -10.02
N PRO M 88 -5.25 -31.92 -9.53
CA PRO M 88 -3.98 -32.19 -10.18
C PRO M 88 -4.11 -32.80 -11.56
N ALA M 89 -3.04 -32.79 -12.31
CA ALA M 89 -3.00 -33.49 -13.59
C ALA M 89 -3.27 -34.98 -13.39
N THR M 90 -3.71 -35.62 -14.45
CA THR M 90 -4.10 -37.05 -14.43
C THR M 90 -3.17 -37.85 -15.36
N ASP M 91 -1.93 -37.40 -15.49
CA ASP M 91 -0.93 -38.02 -16.36
C ASP M 91 0.15 -38.75 -15.56
N GLY M 92 -0.09 -38.98 -14.26
CA GLY M 92 0.92 -39.60 -13.40
C GLY M 92 1.79 -38.61 -12.63
N SER M 93 1.65 -37.31 -12.89
CA SER M 93 2.35 -36.28 -12.13
C SER M 93 1.89 -36.21 -10.70
N GLY M 94 2.79 -35.73 -9.84
CA GLY M 94 2.45 -35.51 -8.46
C GLY M 94 1.57 -34.28 -8.26
N THR M 95 1.16 -34.07 -7.02
CA THR M 95 0.27 -32.99 -6.64
C THR M 95 1.10 -31.93 -5.91
N ALA M 96 1.19 -30.72 -6.49
CA ALA M 96 1.99 -29.68 -5.88
C ALA M 96 1.31 -29.12 -4.62
N LEU M 97 2.16 -28.73 -3.66
CA LEU M 97 1.70 -28.22 -2.39
CA LEU M 97 1.69 -28.21 -2.38
C LEU M 97 2.78 -27.42 -1.67
N GLY M 98 2.39 -26.72 -0.61
CA GLY M 98 3.31 -26.08 0.25
C GLY M 98 2.67 -25.75 1.56
N TRP M 99 3.48 -25.56 2.58
CA TRP M 99 2.94 -25.13 3.86
C TRP M 99 3.97 -24.34 4.65
N THR M 100 3.51 -23.65 5.68
CA THR M 100 4.32 -22.87 6.58
C THR M 100 4.06 -23.29 8.02
N VAL M 101 5.13 -23.29 8.83
CA VAL M 101 5.03 -23.32 10.29
C VAL M 101 5.81 -22.13 10.83
N ALA M 102 5.13 -21.27 11.57
CA ALA M 102 5.85 -20.27 12.39
C ALA M 102 6.14 -20.91 13.74
N TRP M 103 7.37 -20.78 14.21
CA TRP M 103 7.85 -21.54 15.38
C TRP M 103 7.54 -20.81 16.70
N LYS M 104 6.28 -20.42 16.83
CA LYS M 104 5.72 -19.87 18.07
C LYS M 104 4.52 -20.72 18.43
N ASN M 105 4.46 -21.17 19.68
CA ASN M 105 3.26 -21.79 20.22
C ASN M 105 3.04 -21.14 21.61
N ASN M 106 2.17 -21.71 22.43
CA ASN M 106 1.88 -21.10 23.73
C ASN M 106 3.01 -21.23 24.73
N TYR M 107 4.00 -22.07 24.41
CA TYR M 107 5.09 -22.41 25.31
C TYR M 107 6.41 -21.77 24.97
N ARG M 108 6.69 -21.60 23.67
CA ARG M 108 8.03 -21.27 23.16
C ARG M 108 7.90 -20.37 21.93
N ASN M 109 8.97 -19.64 21.63
CA ASN M 109 9.00 -18.82 20.41
C ASN M 109 10.45 -18.72 19.92
N ALA M 110 10.69 -19.31 18.76
CA ALA M 110 12.00 -19.34 18.12
C ALA M 110 12.19 -18.23 17.07
N HIS M 111 11.22 -17.30 16.98
CA HIS M 111 11.32 -16.12 16.12
C HIS M 111 11.78 -16.51 14.71
N SER M 112 11.02 -17.43 14.12
CA SER M 112 11.38 -18.00 12.84
C SER M 112 10.19 -18.71 12.24
N ALA M 113 10.29 -18.98 10.93
CA ALA M 113 9.24 -19.69 10.22
C ALA M 113 9.88 -20.50 9.13
N THR M 114 9.33 -21.69 8.91
CA THR M 114 9.75 -22.58 7.81
C THR M 114 8.68 -22.78 6.82
N THR M 115 9.03 -22.70 5.55
CA THR M 115 8.16 -23.14 4.48
C THR M 115 8.68 -24.41 3.83
N TRP M 116 7.78 -25.31 3.56
CA TRP M 116 8.07 -26.54 2.78
C TRP M 116 7.32 -26.42 1.45
N SER M 117 8.05 -26.60 0.35
CA SER M 117 7.51 -26.64 -0.99
C SER M 117 7.74 -28.01 -1.59
N GLY M 118 6.76 -28.63 -2.20
CA GLY M 118 6.98 -29.93 -2.76
C GLY M 118 5.81 -30.49 -3.47
N GLN M 119 5.79 -31.82 -3.58
CA GLN M 119 4.70 -32.51 -4.22
C GLN M 119 4.45 -33.83 -3.54
N TYR M 120 3.15 -34.18 -3.49
CA TYR M 120 2.66 -35.51 -3.07
C TYR M 120 2.71 -36.44 -4.25
N VAL M 121 3.26 -37.65 -4.00
CA VAL M 121 3.38 -38.71 -4.98
C VAL M 121 2.63 -39.88 -4.39
N GLY M 122 1.51 -40.25 -5.01
CA GLY M 122 0.72 -41.38 -4.55
C GLY M 122 1.28 -42.72 -5.02
N GLY M 123 0.59 -43.77 -4.63
CA GLY M 123 0.93 -45.14 -5.01
C GLY M 123 1.13 -46.01 -3.81
N ALA M 124 1.79 -47.15 -4.02
CA ALA M 124 1.96 -48.15 -2.96
C ALA M 124 2.61 -47.60 -1.70
N GLU M 125 3.62 -46.74 -1.88
CA GLU M 125 4.31 -46.12 -0.77
C GLU M 125 4.31 -44.62 -1.01
N ALA M 126 3.21 -44.01 -0.63
CA ALA M 126 3.02 -42.57 -0.91
C ALA M 126 4.11 -41.75 -0.19
N ARG M 127 4.44 -40.61 -0.81
CA ARG M 127 5.50 -39.75 -0.26
C ARG M 127 5.11 -38.29 -0.54
N ILE M 128 5.64 -37.43 0.31
CA ILE M 128 5.64 -35.98 -0.02
C ILE M 128 7.12 -35.59 0.01
N ASN M 129 7.61 -35.20 -1.14
CA ASN M 129 8.99 -34.82 -1.29
C ASN M 129 9.06 -33.29 -1.26
N THR M 130 9.91 -32.73 -0.41
CA THR M 130 9.94 -31.28 -0.21
C THR M 130 11.35 -30.71 -0.11
N GLN M 131 11.38 -29.39 -0.34
CA GLN M 131 12.52 -28.58 0.05
CA GLN M 131 12.52 -28.49 -0.09
C GLN M 131 11.99 -27.49 0.95
N TRP M 132 12.79 -27.07 1.91
CA TRP M 132 12.37 -26.10 2.90
C TRP M 132 13.31 -24.94 3.03
N LEU M 133 12.74 -23.81 3.46
CA LEU M 133 13.46 -22.56 3.80
C LEU M 133 13.04 -22.17 5.17
N LEU M 134 14.04 -22.00 6.04
CA LEU M 134 13.82 -21.60 7.44
C LEU M 134 14.39 -20.21 7.59
N THR M 135 13.49 -19.20 7.71
CA THR M 135 13.96 -17.87 7.95
C THR M 135 13.76 -17.45 9.38
N SER M 136 14.82 -16.91 9.98
CA SER M 136 14.77 -16.35 11.32
CA SER M 136 14.78 -16.36 11.32
C SER M 136 14.74 -14.83 11.25
N GLY M 137 14.01 -14.23 12.19
CA GLY M 137 14.02 -12.76 12.30
C GLY M 137 15.43 -12.32 12.69
N THR M 138 15.98 -11.36 11.95
CA THR M 138 17.34 -10.88 12.22
C THR M 138 17.38 -9.36 12.10
N THR M 139 18.44 -8.78 12.65
CA THR M 139 18.78 -7.42 12.34
C THR M 139 19.27 -7.37 10.89
N GLU M 140 19.38 -6.16 10.34
CA GLU M 140 19.89 -6.02 8.99
C GLU M 140 21.34 -6.50 8.88
N ALA M 141 22.14 -6.25 9.92
CA ALA M 141 23.55 -6.67 9.93
C ALA M 141 23.71 -8.19 9.97
N ASN M 142 22.72 -8.88 10.51
CA ASN M 142 22.73 -10.34 10.57
C ASN M 142 21.87 -11.01 9.50
N ALA M 143 21.38 -10.26 8.52
CA ALA M 143 20.53 -10.86 7.51
C ALA M 143 21.17 -11.94 6.66
N TRP M 144 22.50 -11.85 6.52
CA TRP M 144 23.24 -12.85 5.76
C TRP M 144 23.00 -14.27 6.28
N LYS M 145 22.71 -14.38 7.58
CA LYS M 145 22.49 -15.67 8.21
C LYS M 145 21.01 -15.89 8.51
N SER M 146 20.10 -15.18 7.82
CA SER M 146 18.69 -15.33 8.13
C SER M 146 18.05 -16.59 7.60
N THR M 147 18.55 -17.15 6.48
CA THR M 147 17.75 -18.15 5.77
C THR M 147 18.56 -19.41 5.51
N LEU M 148 18.13 -20.49 6.17
CA LEU M 148 18.67 -21.84 5.99
C LEU M 148 17.83 -22.57 4.96
N VAL M 149 18.45 -23.52 4.26
CA VAL M 149 17.76 -24.32 3.27
C VAL M 149 18.04 -25.80 3.57
N GLY M 150 17.06 -26.63 3.24
CA GLY M 150 17.24 -28.09 3.35
C GLY M 150 16.11 -28.79 2.67
N HIS M 151 15.97 -30.09 2.98
CA HIS M 151 15.00 -30.94 2.32
C HIS M 151 14.42 -31.95 3.29
N ASP M 152 13.22 -32.41 3.01
CA ASP M 152 12.58 -33.45 3.81
C ASP M 152 11.80 -34.34 2.89
N THR M 153 11.79 -35.64 3.23
CA THR M 153 10.89 -36.59 2.58
C THR M 153 9.96 -37.14 3.63
N PHE M 154 8.66 -37.06 3.35
CA PHE M 154 7.65 -37.54 4.28
C PHE M 154 6.98 -38.76 3.74
N THR M 155 6.72 -39.72 4.64
CA THR M 155 5.98 -40.95 4.33
C THR M 155 4.84 -41.16 5.33
N LYS M 156 3.95 -42.09 5.01
CA LYS M 156 2.82 -42.40 5.88
C LYS M 156 3.20 -43.38 7.00
N VAL M 157 4.43 -43.89 6.96
CA VAL M 157 5.02 -44.89 7.91
C VAL M 157 6.27 -44.27 8.58
N LYS M 158 6.48 -44.47 9.87
CA LYS M 158 7.71 -43.99 10.54
C LYS M 158 9.01 -44.61 10.00
N GLU N 1 24.10 -27.49 23.28
CA GLU N 1 23.87 -26.39 22.28
C GLU N 1 22.42 -26.42 21.78
N TRP N 2 21.87 -25.25 21.53
CA TRP N 2 20.46 -25.13 21.17
C TRP N 2 20.21 -25.71 19.79
N VAL N 3 19.18 -26.54 19.70
CA VAL N 3 18.70 -27.05 18.42
C VAL N 3 17.32 -26.45 18.18
N HIS N 4 17.13 -25.92 16.98
CA HIS N 4 15.87 -25.32 16.59
C HIS N 4 14.74 -26.37 16.64
N PRO N 5 13.53 -25.96 17.06
CA PRO N 5 12.42 -26.92 17.20
C PRO N 5 12.06 -27.81 16.04
N GLN N 6 12.30 -27.36 14.82
CA GLN N 6 12.08 -28.18 13.66
C GLN N 6 12.84 -29.51 13.71
N PHE N 7 14.02 -29.47 14.32
CA PHE N 7 14.99 -30.61 14.30
C PHE N 7 15.29 -31.23 15.65
N GLU N 8 14.79 -30.64 16.72
CA GLU N 8 15.17 -31.05 18.07
C GLU N 8 14.79 -32.52 18.29
N GLN N 9 15.62 -33.21 19.09
CA GLN N 9 15.44 -34.61 19.39
C GLN N 9 15.21 -34.81 20.87
N LYS N 10 14.67 -35.97 21.25
CA LYS N 10 14.52 -36.32 22.67
C LYS N 10 15.88 -36.33 23.38
N ALA N 11 15.88 -35.93 24.65
CA ALA N 11 17.12 -35.84 25.45
C ALA N 11 17.52 -37.20 26.00
N GLU O 38 -46.11 9.53 3.08
CA GLU O 38 -45.60 9.33 1.70
C GLU O 38 -44.20 9.95 1.50
N ALA O 39 -43.94 11.15 2.06
CA ALA O 39 -42.60 11.75 1.95
C ALA O 39 -41.53 10.96 2.68
N GLY O 40 -41.91 10.29 3.78
CA GLY O 40 -40.99 9.33 4.46
C GLY O 40 -40.02 9.96 5.45
N ILE O 41 -40.11 11.29 5.65
CA ILE O 41 -39.14 12.02 6.45
C ILE O 41 -39.57 12.14 7.90
N THR O 42 -40.85 12.46 8.14
CA THR O 42 -41.33 12.61 9.50
C THR O 42 -40.97 11.37 10.35
N GLY O 43 -40.44 11.61 11.54
CA GLY O 43 -40.04 10.54 12.44
C GLY O 43 -38.79 10.89 13.17
N THR O 44 -38.21 9.84 13.78
CA THR O 44 -36.98 9.97 14.53
C THR O 44 -35.84 9.31 13.76
N TRP O 45 -34.70 9.96 13.76
CA TRP O 45 -33.52 9.53 13.06
C TRP O 45 -32.30 9.68 13.99
N TYR O 46 -31.26 8.91 13.69
CA TYR O 46 -30.06 8.90 14.54
CA TYR O 46 -30.05 8.86 14.52
C TYR O 46 -28.84 9.07 13.64
N ASN O 47 -27.89 9.91 14.05
CA ASN O 47 -26.64 9.96 13.33
C ASN O 47 -25.69 8.91 13.87
N GLN O 48 -24.48 8.88 13.31
CA GLN O 48 -23.57 7.80 13.65
C GLN O 48 -22.80 8.09 14.95
N LEU O 49 -22.95 9.28 15.57
CA LEU O 49 -22.31 9.61 16.84
C LEU O 49 -23.26 9.65 18.05
N GLY O 50 -24.51 9.24 17.88
CA GLY O 50 -25.40 9.12 19.03
C GLY O 50 -26.45 10.18 19.13
N SER O 51 -26.52 11.13 18.20
CA SER O 51 -27.51 12.20 18.35
CA SER O 51 -27.51 12.21 18.26
C SER O 51 -28.86 11.70 17.83
N THR O 52 -29.92 12.39 18.23
CA THR O 52 -31.27 12.04 17.88
C THR O 52 -31.98 13.26 17.23
N PHE O 53 -32.42 13.09 16.00
CA PHE O 53 -33.03 14.11 15.14
C PHE O 53 -34.50 13.73 15.03
N ILE O 54 -35.36 14.56 15.63
CA ILE O 54 -36.80 14.30 15.63
C ILE O 54 -37.42 15.38 14.76
N VAL O 55 -38.03 14.98 13.65
CA VAL O 55 -38.44 15.94 12.63
C VAL O 55 -39.88 15.65 12.18
N THR O 56 -40.59 16.72 11.83
CA THR O 56 -41.86 16.64 11.18
C THR O 56 -41.74 17.37 9.84
N ALA O 57 -42.17 16.73 8.76
CA ALA O 57 -42.19 17.27 7.42
C ALA O 57 -43.62 17.68 7.11
N GLY O 58 -43.84 19.01 6.99
CA GLY O 58 -45.16 19.60 6.72
C GLY O 58 -45.51 19.50 5.27
N ALA O 59 -46.83 19.51 4.99
CA ALA O 59 -47.31 19.42 3.61
C ALA O 59 -46.76 20.57 2.74
N ASP O 60 -46.46 21.69 3.39
CA ASP O 60 -46.01 22.92 2.79
C ASP O 60 -44.48 23.00 2.58
N GLY O 61 -43.74 21.93 2.83
CA GLY O 61 -42.28 21.97 2.74
C GLY O 61 -41.51 22.33 4.00
N ALA O 62 -42.20 22.53 5.11
CA ALA O 62 -41.56 22.92 6.38
C ALA O 62 -41.01 21.71 7.11
N LEU O 63 -39.81 21.88 7.65
CA LEU O 63 -39.26 20.95 8.63
C LEU O 63 -39.23 21.64 9.97
N THR O 64 -39.75 20.97 10.99
CA THR O 64 -39.73 21.40 12.35
C THR O 64 -39.31 20.23 13.23
N GLY O 65 -38.82 20.53 14.40
CA GLY O 65 -38.48 19.48 15.36
C GLY O 65 -37.42 19.85 16.34
N THR O 66 -36.72 18.81 16.81
CA THR O 66 -35.70 18.97 17.85
C THR O 66 -34.48 18.12 17.50
N TYR O 67 -33.33 18.65 17.90
CA TYR O 67 -32.08 17.96 17.73
C TYR O 67 -31.52 17.75 19.13
N GLU O 68 -31.15 16.50 19.45
CA GLU O 68 -30.70 16.16 20.78
C GLU O 68 -29.33 15.50 20.68
N SER O 69 -28.38 16.03 21.45
CA SER O 69 -27.05 15.47 21.43
C SER O 69 -27.05 14.07 22.05
N ALA O 70 -25.94 13.37 21.88
CA ALA O 70 -25.79 12.02 22.43
C ALA O 70 -25.92 11.99 23.96
N VAL O 71 -25.72 13.11 24.65
CA VAL O 71 -25.89 13.14 26.12
C VAL O 71 -27.33 12.76 26.53
N GLY O 72 -28.33 13.27 25.81
CA GLY O 72 -29.72 12.78 25.96
C GLY O 72 -30.52 13.41 27.07
N ASN O 73 -30.05 14.53 27.63
CA ASN O 73 -30.73 15.21 28.75
C ASN O 73 -31.47 16.44 28.22
N ALA O 74 -32.16 17.17 29.11
CA ALA O 74 -32.91 18.36 28.76
C ALA O 74 -32.04 19.42 28.10
N GLU O 75 -30.89 19.71 28.71
CA GLU O 75 -29.98 20.73 28.16
C GLU O 75 -29.34 20.35 26.83
N SER O 76 -29.53 19.07 26.43
CA SER O 76 -28.93 18.59 25.19
CA SER O 76 -28.96 18.53 25.20
C SER O 76 -29.83 18.76 23.97
N ARG O 77 -31.04 19.30 24.16
CA ARG O 77 -32.05 19.40 23.11
C ARG O 77 -32.24 20.84 22.63
N TYR O 78 -32.31 20.97 21.31
CA TYR O 78 -32.40 22.28 20.63
C TYR O 78 -33.48 22.26 19.57
N VAL O 79 -34.06 23.43 19.32
CA VAL O 79 -35.02 23.63 18.26
C VAL O 79 -34.30 23.56 16.91
N LEU O 80 -34.97 22.98 15.93
CA LEU O 80 -34.51 23.09 14.54
C LEU O 80 -35.68 23.52 13.66
N THR O 81 -35.34 24.21 12.57
CA THR O 81 -36.29 24.47 11.48
CA THR O 81 -36.29 24.45 11.48
C THR O 81 -35.57 24.35 10.15
N GLY O 82 -36.31 23.99 9.11
CA GLY O 82 -35.75 23.87 7.80
C GLY O 82 -36.80 23.66 6.74
N ARG O 83 -36.40 23.17 5.58
CA ARG O 83 -37.24 23.03 4.41
C ARG O 83 -36.92 21.75 3.68
N TYR O 84 -37.88 21.19 2.99
CA TYR O 84 -37.59 20.04 2.12
C TYR O 84 -38.43 20.15 0.86
N ASP O 85 -38.01 19.45 -0.21
CA ASP O 85 -38.78 19.36 -1.47
C ASP O 85 -39.99 18.49 -1.26
N SER O 86 -41.19 19.07 -1.24
CA SER O 86 -42.41 18.35 -1.01
C SER O 86 -42.97 17.67 -2.26
N ALA O 87 -42.29 17.82 -3.41
CA ALA O 87 -42.68 17.15 -4.64
C ALA O 87 -41.49 16.67 -5.42
N PRO O 88 -40.76 15.66 -4.87
CA PRO O 88 -39.50 15.24 -5.45
C PRO O 88 -39.68 14.51 -6.79
N ALA O 89 -38.62 14.41 -7.55
CA ALA O 89 -38.63 13.56 -8.73
C ALA O 89 -39.03 12.13 -8.39
N THR O 90 -39.59 11.43 -9.38
CA THR O 90 -40.12 10.08 -9.22
C THR O 90 -39.25 9.09 -9.99
N ASP O 91 -37.98 9.44 -10.21
CA ASP O 91 -37.07 8.66 -11.02
C ASP O 91 -36.03 7.89 -10.16
N GLY O 92 -36.28 7.77 -8.85
CA GLY O 92 -35.36 7.13 -7.91
C GLY O 92 -34.45 8.13 -7.22
N SER O 93 -34.52 9.41 -7.58
CA SER O 93 -33.72 10.43 -6.94
C SER O 93 -34.18 10.62 -5.49
N GLY O 94 -33.25 11.05 -4.64
CA GLY O 94 -33.62 11.43 -3.26
C GLY O 94 -34.35 12.75 -3.20
N THR O 95 -34.75 13.06 -1.98
CA THR O 95 -35.50 14.29 -1.66
C THR O 95 -34.60 15.30 -0.97
N ALA O 96 -34.36 16.42 -1.65
CA ALA O 96 -33.49 17.46 -1.11
C ALA O 96 -34.10 18.10 0.14
N LEU O 97 -33.23 18.47 1.08
CA LEU O 97 -33.66 19.10 2.33
C LEU O 97 -32.51 19.81 3.03
N GLY O 98 -32.84 20.66 4.01
CA GLY O 98 -31.88 21.29 4.87
C GLY O 98 -32.48 21.73 6.15
N TRP O 99 -31.71 21.88 7.20
CA TRP O 99 -32.21 22.45 8.44
C TRP O 99 -31.10 23.12 9.21
N THR O 100 -31.51 23.95 10.18
CA THR O 100 -30.63 24.70 11.06
C THR O 100 -30.94 24.50 12.50
N VAL O 101 -29.89 24.36 13.31
CA VAL O 101 -29.95 24.47 14.78
C VAL O 101 -29.09 25.64 15.20
N ALA O 102 -29.67 26.61 15.94
CA ALA O 102 -28.83 27.56 16.68
C ALA O 102 -28.65 26.95 18.05
N TRP O 103 -27.40 26.93 18.51
CA TRP O 103 -27.03 26.17 19.73
C TRP O 103 -27.26 26.95 21.02
N LYS O 104 -28.48 27.48 21.10
CA LYS O 104 -29.00 28.16 22.30
C LYS O 104 -30.28 27.46 22.69
N ASN O 105 -30.40 27.10 23.96
CA ASN O 105 -31.66 26.61 24.48
C ASN O 105 -31.90 27.29 25.83
N ASN O 106 -32.85 26.82 26.61
CA ASN O 106 -33.12 27.46 27.91
C ASN O 106 -32.01 27.25 28.96
N TYR O 107 -31.05 26.37 28.66
CA TYR O 107 -30.00 25.96 29.58
C TYR O 107 -28.59 26.46 29.26
N ARG O 108 -28.28 26.60 27.96
CA ARG O 108 -26.91 26.74 27.47
C ARG O 108 -26.92 27.56 26.19
N ASN O 109 -25.81 28.23 25.89
CA ASN O 109 -25.66 28.95 24.63
C ASN O 109 -24.20 28.84 24.18
N ALA O 110 -23.98 28.19 23.03
CA ALA O 110 -22.67 28.00 22.46
C ALA O 110 -22.39 29.00 21.33
N HIS O 111 -23.21 30.04 21.20
CA HIS O 111 -22.97 31.15 20.26
C HIS O 111 -22.54 30.65 18.89
N SER O 112 -23.40 29.80 18.33
CA SER O 112 -23.10 29.09 17.09
C SER O 112 -24.38 28.53 16.48
N ALA O 113 -24.27 28.12 15.22
CA ALA O 113 -25.39 27.52 14.50
C ALA O 113 -24.83 26.54 13.49
N THR O 114 -25.56 25.44 13.33
CA THR O 114 -25.18 24.44 12.31
C THR O 114 -26.30 24.29 11.30
N THR O 115 -25.94 24.21 10.04
CA THR O 115 -26.86 23.84 9.00
C THR O 115 -26.45 22.50 8.41
N TRP O 116 -27.42 21.64 8.25
CA TRP O 116 -27.28 20.35 7.52
C TRP O 116 -27.96 20.47 6.18
N SER O 117 -27.26 20.14 5.11
CA SER O 117 -27.76 20.10 3.75
C SER O 117 -27.63 18.68 3.22
N GLY O 118 -28.70 18.17 2.60
CA GLY O 118 -28.61 16.80 2.19
C GLY O 118 -29.82 16.28 1.46
N GLN O 119 -29.94 14.95 1.41
CA GLN O 119 -31.12 14.38 0.79
C GLN O 119 -31.55 13.14 1.56
N TYR O 120 -32.87 12.94 1.61
CA TYR O 120 -33.48 11.73 2.13
C TYR O 120 -33.52 10.73 0.99
N VAL O 121 -33.10 9.51 1.29
CA VAL O 121 -33.14 8.37 0.36
C VAL O 121 -33.97 7.30 1.06
N GLY O 122 -35.11 6.96 0.48
CA GLY O 122 -36.02 6.00 1.09
C GLY O 122 -35.67 4.55 0.84
N GLY O 123 -36.52 3.65 1.35
CA GLY O 123 -36.31 2.19 1.19
C GLY O 123 -36.07 1.48 2.51
N ALA O 124 -35.75 0.20 2.38
CA ALA O 124 -35.51 -0.65 3.56
C ALA O 124 -34.34 -0.17 4.39
N GLU O 125 -33.38 0.49 3.73
CA GLU O 125 -32.20 1.01 4.38
C GLU O 125 -32.24 2.53 4.17
N ALA O 126 -33.29 3.14 4.69
CA ALA O 126 -33.52 4.58 4.50
C ALA O 126 -32.41 5.39 5.16
N ARG O 127 -32.12 6.53 4.54
CA ARG O 127 -31.04 7.37 5.02
C ARG O 127 -31.38 8.84 4.83
N ILE O 128 -30.81 9.68 5.67
CA ILE O 128 -30.66 11.09 5.33
C ILE O 128 -29.16 11.36 5.28
N ASN O 129 -28.65 11.57 4.08
CA ASN O 129 -27.22 11.79 3.92
C ASN O 129 -26.96 13.28 3.86
N THR O 130 -26.05 13.79 4.69
CA THR O 130 -25.89 15.23 4.87
C THR O 130 -24.44 15.66 4.95
N GLN O 131 -24.23 16.93 4.63
CA GLN O 131 -23.02 17.66 4.90
C GLN O 131 -23.40 18.83 5.80
N TRP O 132 -22.60 19.23 6.74
CA TRP O 132 -22.94 20.33 7.66
C TRP O 132 -21.88 21.38 7.70
N LEU O 133 -22.33 22.59 8.06
CA LEU O 133 -21.50 23.77 8.32
C LEU O 133 -21.86 24.28 9.70
N LEU O 134 -20.87 24.41 10.59
CA LEU O 134 -21.06 24.94 11.92
C LEU O 134 -20.34 26.26 12.01
N THR O 135 -21.10 27.37 12.09
CA THR O 135 -20.49 28.69 12.24
C THR O 135 -20.65 29.15 13.67
N SER O 136 -19.54 29.61 14.22
CA SER O 136 -19.52 30.23 15.55
CA SER O 136 -19.52 30.24 15.55
C SER O 136 -19.40 31.76 15.39
N GLY O 137 -20.05 32.52 16.29
CA GLY O 137 -19.86 33.94 16.30
C GLY O 137 -18.43 34.24 16.71
N THR O 138 -17.75 35.10 15.97
CA THR O 138 -16.35 35.43 16.23
C THR O 138 -16.23 36.97 15.99
N THR O 139 -15.13 37.52 16.46
CA THR O 139 -14.69 38.86 16.03
C THR O 139 -14.23 38.72 14.58
N GLU O 140 -14.04 39.85 13.90
CA GLU O 140 -13.55 39.84 12.52
C GLU O 140 -12.15 39.25 12.45
N ALA O 141 -11.32 39.54 13.45
CA ALA O 141 -9.94 39.04 13.46
C ALA O 141 -9.89 37.52 13.63
N ASN O 142 -10.90 36.95 14.27
CA ASN O 142 -10.98 35.49 14.46
C ASN O 142 -11.89 34.79 13.48
N ALA O 143 -12.32 35.46 12.42
CA ALA O 143 -13.32 34.88 11.51
C ALA O 143 -12.74 33.69 10.70
N TRP O 144 -11.41 33.63 10.56
CA TRP O 144 -10.80 32.52 9.87
C TRP O 144 -11.18 31.18 10.49
N LYS O 145 -11.47 31.16 11.79
CA LYS O 145 -11.86 29.93 12.45
C LYS O 145 -13.32 29.86 12.76
N SER O 146 -14.15 30.63 12.03
CA SER O 146 -15.55 30.67 12.35
C SER O 146 -16.35 29.46 11.86
N THR O 147 -15.95 28.80 10.77
CA THR O 147 -16.83 27.82 10.12
C THR O 147 -16.12 26.48 9.94
N LEU O 148 -16.67 25.49 10.64
CA LEU O 148 -16.26 24.07 10.54
C LEU O 148 -17.15 23.37 9.54
N VAL O 149 -16.65 22.31 8.90
CA VAL O 149 -17.41 21.51 7.97
C VAL O 149 -17.27 20.03 8.37
N GLY O 150 -18.31 19.27 8.09
CA GLY O 150 -18.30 17.84 8.31
C GLY O 150 -19.47 17.21 7.64
N HIS O 151 -19.76 15.96 8.02
CA HIS O 151 -20.84 15.22 7.44
C HIS O 151 -21.51 14.35 8.47
N ASP O 152 -22.76 14.04 8.22
CA ASP O 152 -23.53 13.11 9.06
CA ASP O 152 -23.52 13.10 9.06
C ASP O 152 -24.37 12.21 8.17
N THR O 153 -24.52 10.97 8.62
CA THR O 153 -25.46 10.07 7.99
C THR O 153 -26.50 9.70 9.03
N PHE O 154 -27.77 9.95 8.73
CA PHE O 154 -28.85 9.63 9.62
C PHE O 154 -29.57 8.36 9.16
N THR O 155 -29.81 7.48 10.13
CA THR O 155 -30.49 6.20 9.86
C THR O 155 -31.68 6.06 10.80
N LYS O 156 -32.50 5.03 10.53
CA LYS O 156 -33.67 4.81 11.33
C LYS O 156 -33.41 4.04 12.62
N VAL O 157 -32.22 3.43 12.72
CA VAL O 157 -31.83 2.66 13.90
C VAL O 157 -30.53 3.22 14.45
N LYS O 158 -30.29 3.12 15.75
CA LYS O 158 -29.09 3.64 16.39
C LYS O 158 -27.82 2.96 15.93
N PRO O 159 -26.71 3.71 15.92
CA PRO O 159 -25.43 3.08 15.58
C PRO O 159 -25.04 2.01 16.61
N GLU P 1 -11.43 18.92 28.08
CA GLU P 1 -11.51 19.96 27.00
C GLU P 1 -12.95 20.08 26.50
N TRP P 2 -13.40 21.29 26.25
CA TRP P 2 -14.80 21.48 25.82
C TRP P 2 -15.11 20.87 24.46
N VAL P 3 -16.21 20.17 24.40
CA VAL P 3 -16.74 19.62 23.18
C VAL P 3 -18.07 20.32 22.89
N HIS P 4 -18.17 20.91 21.69
CA HIS P 4 -19.38 21.60 21.29
C HIS P 4 -20.60 20.67 21.43
N PRO P 5 -21.78 21.23 21.80
CA PRO P 5 -22.95 20.41 22.02
C PRO P 5 -23.38 19.48 20.89
N GLN P 6 -23.10 19.81 19.65
CA GLN P 6 -23.48 18.97 18.55
C GLN P 6 -22.85 17.56 18.70
N PHE P 7 -21.62 17.56 19.23
CA PHE P 7 -20.78 16.35 19.25
C PHE P 7 -20.61 15.71 20.60
N GLU P 8 -21.10 16.35 21.64
CA GLU P 8 -20.80 15.92 23.02
C GLU P 8 -21.37 14.52 23.26
N GLN P 9 -20.65 13.77 24.08
CA GLN P 9 -20.96 12.38 24.40
C GLN P 9 -21.23 12.21 25.89
N LYS P 10 -21.86 11.10 26.26
CA LYS P 10 -22.05 10.77 27.67
C LYS P 10 -20.69 10.64 28.37
N ALA P 11 -20.66 11.02 29.65
CA ALA P 11 -19.42 11.07 30.43
C ALA P 11 -18.80 9.69 30.72
#